data_6E85
#
_entry.id   6E85
#
_cell.length_a   97.355
_cell.length_b   76.216
_cell.length_c   92.113
_cell.angle_alpha   90.00
_cell.angle_beta   106.78
_cell.angle_gamma   90.00
#
_symmetry.space_group_name_H-M   'C 1 2 1'
#
loop_
_entity.id
_entity.type
_entity.pdbx_description
1 polymer 'D-threonate 4-phosphate dehydrogenase'
2 non-polymer 'NICKEL (II) ION'
3 non-polymer 'FORMIC ACID'
4 non-polymer 'PYROPHOSPHATE 2-'
5 non-polymer 'SULFATE ION'
6 non-polymer 'CHLORIDE ION'
7 water water
#
_entity_poly.entity_id   1
_entity_poly.type   'polypeptide(L)'
_entity_poly.pdbx_seq_one_letter_code
;SNAMSKMIAVTMGDPAGIGPEIIIKSLAEGALSGAPVVVVGCAQTLRRILALNITPRAELRIIDHPAEASFSPATINVID
EPLSDPQGLRPGEVQAQAGDLAFRCIRRATALALEGAVAAIATAPLNKEALHLAGHAYPGHTELLAHLTQTTDYAMVLYT
EKLKVIHITTHISLRQFLDTLNQPRIETVIGVADRFLRRVGYPRPRIAVAGVNPHAGENGLFGDEEIRIVAPAVAAMRAK
GVEVTGPCPPDTVFMQCHEGMYDMVVAMYHDQGHIPLKLLGFYDGVNITAGLPFIRTSADHGTAFDIAWTGKAKSESMAT
SIELAMHIAQE
;
_entity_poly.pdbx_strand_id   A,B
#
loop_
_chem_comp.id
_chem_comp.type
_chem_comp.name
_chem_comp.formula
CL non-polymer 'CHLORIDE ION' 'Cl -1'
FMT non-polymer 'FORMIC ACID' 'C H2 O2'
NI non-polymer 'NICKEL (II) ION' 'Ni 2'
POP non-polymer 'PYROPHOSPHATE 2-' 'H2 O7 P2 -2'
SO4 non-polymer 'SULFATE ION' 'O4 S -2'
#
# COMPACT_ATOMS: atom_id res chain seq x y z
N SER A 1 28.48 -32.49 -9.83
CA SER A 1 28.23 -31.48 -10.90
C SER A 1 29.31 -30.43 -10.84
N ASN A 2 29.28 -29.51 -11.81
CA ASN A 2 30.20 -28.40 -11.85
C ASN A 2 29.57 -27.12 -11.29
N ALA A 3 28.51 -27.27 -10.47
CA ALA A 3 27.93 -26.10 -9.82
C ALA A 3 28.95 -25.51 -8.85
N MET A 4 28.87 -24.18 -8.68
CA MET A 4 29.73 -23.46 -7.75
C MET A 4 28.86 -22.92 -6.60
N SER A 5 27.74 -23.59 -6.36
CA SER A 5 26.72 -23.19 -5.41
C SER A 5 25.76 -24.36 -5.25
N LYS A 6 24.79 -24.23 -4.36
CA LYS A 6 23.71 -25.19 -4.34
C LYS A 6 22.90 -25.05 -5.63
N MET A 7 22.31 -26.18 -6.05
CA MET A 7 21.46 -26.26 -7.21
C MET A 7 20.00 -26.11 -6.79
N ILE A 8 19.15 -25.77 -7.77
CA ILE A 8 17.71 -25.80 -7.56
C ILE A 8 17.06 -26.63 -8.68
N ALA A 9 15.82 -27.06 -8.41
CA ALA A 9 14.99 -27.71 -9.40
C ALA A 9 13.93 -26.73 -9.89
N VAL A 10 13.56 -26.86 -11.16
CA VAL A 10 12.44 -26.17 -11.76
C VAL A 10 11.47 -27.24 -12.28
N THR A 11 10.19 -27.13 -11.91
CA THR A 11 9.19 -28.09 -12.34
C THR A 11 8.44 -27.55 -13.56
N MET A 12 8.15 -28.46 -14.50
CA MET A 12 7.55 -28.09 -15.76
C MET A 12 6.13 -27.52 -15.63
N GLY A 13 5.38 -27.95 -14.62
CA GLY A 13 3.98 -27.57 -14.55
C GLY A 13 3.18 -28.27 -15.63
N ASP A 14 2.04 -27.66 -16.00
CA ASP A 14 1.18 -28.25 -17.03
C ASP A 14 1.86 -28.08 -18.38
N PRO A 15 2.22 -29.19 -19.08
CA PRO A 15 2.96 -29.06 -20.34
C PRO A 15 2.17 -28.43 -21.49
N ALA A 16 0.84 -28.42 -21.36
CA ALA A 16 0.00 -27.80 -22.37
C ALA A 16 -0.09 -26.27 -22.16
N GLY A 17 0.42 -25.79 -21.03
CA GLY A 17 0.45 -24.37 -20.74
C GLY A 17 1.77 -23.73 -21.15
N ILE A 18 2.03 -22.54 -20.61
CA ILE A 18 3.23 -21.77 -20.97
C ILE A 18 4.48 -22.24 -20.22
N GLY A 19 4.34 -23.17 -19.26
CA GLY A 19 5.51 -23.59 -18.46
C GLY A 19 6.71 -23.97 -19.30
N PRO A 20 6.58 -24.93 -20.24
CA PRO A 20 7.72 -25.35 -21.04
C PRO A 20 8.45 -24.19 -21.73
N GLU A 21 7.69 -23.31 -22.39
CA GLU A 21 8.35 -22.27 -23.17
C GLU A 21 9.01 -21.22 -22.27
N ILE A 22 8.38 -20.90 -21.13
CA ILE A 22 8.99 -19.87 -20.27
C ILE A 22 10.21 -20.44 -19.53
N ILE A 23 10.23 -21.76 -19.30
CA ILE A 23 11.41 -22.39 -18.74
C ILE A 23 12.57 -22.30 -19.75
N ILE A 24 12.29 -22.65 -21.02
CA ILE A 24 13.32 -22.60 -22.02
C ILE A 24 13.82 -21.16 -22.18
N LYS A 25 12.90 -20.20 -22.26
CA LYS A 25 13.34 -18.82 -22.45
C LYS A 25 14.18 -18.31 -21.28
N SER A 26 13.81 -18.73 -20.07
N SER A 26 13.84 -18.73 -20.06
CA SER A 26 14.51 -18.32 -18.86
CA SER A 26 14.54 -18.22 -18.89
C SER A 26 15.94 -18.87 -18.80
C SER A 26 15.90 -18.92 -18.67
N LEU A 27 16.11 -20.11 -19.26
CA LEU A 27 17.37 -20.81 -19.06
C LEU A 27 18.28 -20.84 -20.28
N ALA A 28 17.74 -20.58 -21.47
CA ALA A 28 18.53 -20.73 -22.70
C ALA A 28 19.48 -19.56 -22.96
N GLU A 29 19.19 -18.41 -22.35
N GLU A 29 19.14 -18.38 -22.43
CA GLU A 29 19.98 -17.21 -22.61
CA GLU A 29 19.89 -17.16 -22.65
C GLU A 29 19.71 -16.23 -21.48
C GLU A 29 19.80 -16.27 -21.41
N GLY A 30 20.44 -15.11 -21.49
CA GLY A 30 20.32 -14.12 -20.46
C GLY A 30 20.99 -14.53 -19.16
N ALA A 31 20.49 -13.95 -18.07
CA ALA A 31 21.19 -14.03 -16.79
C ALA A 31 21.39 -15.47 -16.35
N LEU A 32 20.40 -16.33 -16.57
CA LEU A 32 20.45 -17.69 -16.05
C LEU A 32 21.14 -18.68 -16.99
N SER A 33 21.69 -18.20 -18.11
CA SER A 33 22.39 -19.10 -19.00
C SER A 33 23.54 -19.78 -18.23
N GLY A 34 23.53 -21.11 -18.21
CA GLY A 34 24.56 -21.86 -17.50
C GLY A 34 24.36 -21.93 -15.98
N ALA A 35 23.22 -21.45 -15.46
CA ALA A 35 22.97 -21.45 -14.01
C ALA A 35 22.74 -22.87 -13.48
N PRO A 36 22.95 -23.09 -12.17
CA PRO A 36 22.84 -24.43 -11.56
C PRO A 36 21.38 -24.80 -11.29
N VAL A 37 20.65 -25.02 -12.39
CA VAL A 37 19.22 -25.30 -12.37
C VAL A 37 18.98 -26.61 -13.10
N VAL A 38 18.21 -27.51 -12.46
CA VAL A 38 17.84 -28.77 -13.10
C VAL A 38 16.34 -28.75 -13.32
N VAL A 39 15.93 -28.96 -14.58
CA VAL A 39 14.51 -29.01 -14.89
C VAL A 39 14.00 -30.43 -14.68
N VAL A 40 12.90 -30.57 -13.95
CA VAL A 40 12.20 -31.85 -13.84
C VAL A 40 10.96 -31.70 -14.71
N GLY A 41 10.96 -32.41 -15.84
CA GLY A 41 9.91 -32.23 -16.79
C GLY A 41 10.04 -33.20 -17.94
N CYS A 42 9.08 -33.15 -18.85
CA CYS A 42 9.04 -34.03 -20.00
C CYS A 42 9.99 -33.49 -21.08
N ALA A 43 11.10 -34.19 -21.29
CA ALA A 43 12.10 -33.75 -22.25
C ALA A 43 11.52 -33.72 -23.67
N GLN A 44 10.68 -34.71 -24.01
CA GLN A 44 10.09 -34.73 -25.34
C GLN A 44 9.22 -33.48 -25.58
N THR A 45 8.53 -33.02 -24.54
CA THR A 45 7.74 -31.78 -24.63
C THR A 45 8.68 -30.60 -24.91
N LEU A 46 9.78 -30.49 -24.14
CA LEU A 46 10.73 -29.41 -24.38
C LEU A 46 11.19 -29.44 -25.84
N ARG A 47 11.46 -30.63 -26.38
CA ARG A 47 11.93 -30.73 -27.76
C ARG A 47 10.83 -30.30 -28.75
N ARG A 48 9.57 -30.61 -28.43
CA ARG A 48 8.48 -30.13 -29.31
C ARG A 48 8.47 -28.59 -29.33
N ILE A 49 8.64 -27.98 -28.15
CA ILE A 49 8.67 -26.53 -28.08
C ILE A 49 9.84 -25.99 -28.90
N LEU A 50 11.03 -26.59 -28.74
CA LEU A 50 12.20 -26.09 -29.46
C LEU A 50 11.97 -26.17 -30.98
N ALA A 51 11.29 -27.22 -31.44
CA ALA A 51 11.08 -27.40 -32.87
C ALA A 51 10.09 -26.38 -33.45
N LEU A 52 9.31 -25.72 -32.59
CA LEU A 52 8.33 -24.72 -33.05
C LEU A 52 8.98 -23.35 -33.32
N ASN A 53 10.23 -23.15 -32.89
CA ASN A 53 10.93 -21.88 -33.14
C ASN A 53 10.11 -20.71 -32.57
N ILE A 54 9.80 -20.82 -31.27
CA ILE A 54 9.07 -19.82 -30.48
C ILE A 54 9.90 -19.42 -29.25
N THR A 55 11.13 -19.90 -29.19
CA THR A 55 12.05 -19.63 -28.09
C THR A 55 13.45 -19.58 -28.66
N PRO A 56 14.45 -19.08 -27.89
N PRO A 56 14.45 -19.10 -27.89
CA PRO A 56 15.84 -19.22 -28.29
CA PRO A 56 15.84 -19.22 -28.29
C PRO A 56 16.20 -20.72 -28.40
C PRO A 56 16.21 -20.72 -28.39
N ARG A 57 17.33 -21.00 -29.04
CA ARG A 57 17.82 -22.33 -29.16
C ARG A 57 18.41 -22.78 -27.82
N ALA A 58 18.36 -24.08 -27.57
CA ALA A 58 18.98 -24.64 -26.40
C ALA A 58 19.29 -26.11 -26.64
N GLU A 59 20.45 -26.53 -26.15
N GLU A 59 20.45 -26.54 -26.15
CA GLU A 59 20.80 -27.93 -26.12
CA GLU A 59 20.84 -27.96 -26.14
C GLU A 59 20.23 -28.48 -24.81
C GLU A 59 20.39 -28.56 -24.81
N LEU A 60 19.70 -29.70 -24.87
CA LEU A 60 19.28 -30.36 -23.65
C LEU A 60 20.33 -31.39 -23.25
N ARG A 61 20.72 -31.38 -21.97
N ARG A 61 20.60 -31.44 -21.95
CA ARG A 61 21.55 -32.45 -21.38
CA ARG A 61 21.49 -32.41 -21.37
C ARG A 61 20.60 -33.22 -20.46
C ARG A 61 20.64 -33.25 -20.41
N ILE A 62 20.23 -34.44 -20.86
CA ILE A 62 19.38 -35.28 -20.04
C ILE A 62 20.28 -35.92 -18.98
N ILE A 63 19.79 -35.98 -17.74
CA ILE A 63 20.54 -36.54 -16.62
C ILE A 63 19.60 -37.38 -15.75
N ASP A 64 20.22 -38.20 -14.90
CA ASP A 64 19.49 -39.10 -14.01
C ASP A 64 19.39 -38.57 -12.57
N HIS A 65 20.25 -37.62 -12.21
CA HIS A 65 20.35 -37.14 -10.85
C HIS A 65 21.05 -35.80 -10.88
N PRO A 66 20.69 -34.83 -10.01
CA PRO A 66 21.33 -33.53 -10.04
C PRO A 66 22.86 -33.55 -9.95
N ALA A 67 23.43 -34.54 -9.23
CA ALA A 67 24.88 -34.58 -9.09
C ALA A 67 25.56 -34.84 -10.45
N GLU A 68 24.81 -35.35 -11.43
CA GLU A 68 25.34 -35.66 -12.75
C GLU A 68 25.13 -34.51 -13.74
N ALA A 69 24.62 -33.37 -13.24
CA ALA A 69 24.44 -32.21 -14.10
C ALA A 69 25.80 -31.68 -14.56
N SER A 70 25.78 -31.04 -15.73
CA SER A 70 26.94 -30.35 -16.25
C SER A 70 26.42 -29.05 -16.84
N PHE A 71 26.72 -27.95 -16.15
CA PHE A 71 26.15 -26.65 -16.49
C PHE A 71 27.06 -25.90 -17.45
N SER A 72 26.43 -25.30 -18.47
CA SER A 72 27.17 -24.51 -19.46
C SER A 72 26.19 -23.62 -20.18
N PRO A 73 26.63 -22.50 -20.78
CA PRO A 73 25.71 -21.59 -21.44
C PRO A 73 24.88 -22.24 -22.56
N ALA A 74 23.62 -21.83 -22.62
CA ALA A 74 22.69 -22.22 -23.67
C ALA A 74 22.40 -23.72 -23.65
N THR A 75 22.64 -24.35 -22.49
N THR A 75 22.71 -24.41 -22.55
CA THR A 75 22.35 -25.76 -22.28
CA THR A 75 22.31 -25.82 -22.38
C THR A 75 21.37 -25.85 -21.10
C THR A 75 21.44 -25.92 -21.12
N ILE A 76 20.45 -26.81 -21.17
CA ILE A 76 19.50 -27.01 -20.08
C ILE A 76 19.59 -28.46 -19.63
N ASN A 77 19.88 -28.64 -18.34
CA ASN A 77 19.96 -29.94 -17.72
C ASN A 77 18.54 -30.38 -17.33
N VAL A 78 18.14 -31.57 -17.77
CA VAL A 78 16.78 -32.06 -17.59
C VAL A 78 16.79 -33.47 -17.01
N ILE A 79 16.06 -33.64 -15.91
CA ILE A 79 15.69 -34.96 -15.43
C ILE A 79 14.34 -35.26 -16.08
N ASP A 80 14.34 -36.24 -17.00
CA ASP A 80 13.18 -36.52 -17.82
C ASP A 80 12.12 -37.29 -17.03
N GLU A 81 10.97 -36.64 -16.86
CA GLU A 81 9.78 -37.21 -16.27
C GLU A 81 8.77 -37.20 -17.40
N PRO A 82 8.57 -38.32 -18.11
CA PRO A 82 7.84 -38.26 -19.36
C PRO A 82 6.31 -38.23 -19.30
N LEU A 83 5.73 -37.53 -20.28
CA LEU A 83 4.30 -37.65 -20.52
C LEU A 83 4.00 -39.08 -20.96
N SER A 84 2.76 -39.52 -20.77
CA SER A 84 2.38 -40.82 -21.28
C SER A 84 2.28 -40.79 -22.81
N ASP A 85 1.89 -39.63 -23.38
CA ASP A 85 1.74 -39.50 -24.84
C ASP A 85 2.20 -38.12 -25.27
N PRO A 86 3.51 -37.84 -25.27
CA PRO A 86 4.00 -36.51 -25.58
C PRO A 86 3.63 -35.98 -26.97
N GLN A 87 3.58 -36.86 -27.98
CA GLN A 87 3.31 -36.36 -29.33
C GLN A 87 1.81 -36.06 -29.52
N GLY A 88 0.97 -36.63 -28.65
CA GLY A 88 -0.48 -36.41 -28.72
C GLY A 88 -0.96 -35.22 -27.91
N LEU A 89 -0.08 -34.65 -27.09
CA LEU A 89 -0.48 -33.52 -26.27
C LEU A 89 -0.88 -32.35 -27.18
N ARG A 90 -1.99 -31.70 -26.83
CA ARG A 90 -2.47 -30.55 -27.58
C ARG A 90 -2.23 -29.29 -26.75
N PRO A 91 -1.65 -28.23 -27.34
N PRO A 91 -1.75 -28.19 -27.38
CA PRO A 91 -1.43 -26.99 -26.60
CA PRO A 91 -1.45 -26.98 -26.62
C PRO A 91 -2.73 -26.31 -26.14
C PRO A 91 -2.73 -26.27 -26.15
N GLY A 92 -2.70 -25.76 -24.92
CA GLY A 92 -3.78 -24.90 -24.39
C GLY A 92 -5.10 -25.60 -24.17
N GLU A 93 -5.07 -26.90 -23.84
CA GLU A 93 -6.27 -27.66 -23.56
C GLU A 93 -6.09 -28.44 -22.26
N VAL A 94 -7.19 -28.60 -21.52
CA VAL A 94 -7.25 -29.38 -20.30
C VAL A 94 -7.16 -30.87 -20.68
N GLN A 95 -6.09 -31.53 -20.22
CA GLN A 95 -5.82 -32.93 -20.55
C GLN A 95 -5.32 -33.66 -19.29
N ALA A 96 -5.89 -34.84 -19.04
CA ALA A 96 -5.50 -35.64 -17.88
C ALA A 96 -4.00 -35.93 -17.88
N GLN A 97 -3.42 -36.23 -19.04
CA GLN A 97 -1.99 -36.62 -19.04
C GLN A 97 -1.13 -35.42 -18.63
N ALA A 98 -1.60 -34.20 -18.94
CA ALA A 98 -0.88 -32.96 -18.59
C ALA A 98 -0.96 -32.71 -17.08
N GLY A 99 -2.15 -32.87 -16.51
CA GLY A 99 -2.30 -32.72 -15.07
C GLY A 99 -1.47 -33.76 -14.33
N ASP A 100 -1.42 -34.98 -14.89
CA ASP A 100 -0.67 -36.03 -14.24
C ASP A 100 0.83 -35.71 -14.24
N LEU A 101 1.32 -35.18 -15.37
CA LEU A 101 2.72 -34.80 -15.44
C LEU A 101 3.03 -33.70 -14.43
N ALA A 102 2.15 -32.68 -14.34
CA ALA A 102 2.40 -31.60 -13.41
C ALA A 102 2.59 -32.16 -11.99
N PHE A 103 1.69 -33.07 -11.61
CA PHE A 103 1.78 -33.72 -10.32
C PHE A 103 3.10 -34.48 -10.16
N ARG A 104 3.44 -35.29 -11.17
CA ARG A 104 4.61 -36.15 -11.05
C ARG A 104 5.90 -35.33 -10.95
N CYS A 105 5.98 -34.21 -11.67
CA CYS A 105 7.19 -33.40 -11.59
C CYS A 105 7.35 -32.79 -10.19
N ILE A 106 6.24 -32.34 -9.60
N ILE A 106 6.23 -32.34 -9.62
CA ILE A 106 6.29 -31.79 -8.26
CA ILE A 106 6.25 -31.79 -8.26
C ILE A 106 6.68 -32.89 -7.27
C ILE A 106 6.68 -32.87 -7.27
N ARG A 107 6.10 -34.07 -7.43
CA ARG A 107 6.42 -35.17 -6.52
C ARG A 107 7.92 -35.52 -6.59
N ARG A 108 8.45 -35.60 -7.81
CA ARG A 108 9.83 -36.01 -8.01
C ARG A 108 10.80 -34.93 -7.52
N ALA A 109 10.50 -33.67 -7.82
CA ALA A 109 11.35 -32.58 -7.39
C ALA A 109 11.33 -32.43 -5.86
N THR A 110 10.16 -32.67 -5.26
CA THR A 110 10.05 -32.59 -3.81
C THR A 110 10.95 -33.66 -3.16
N ALA A 111 10.93 -34.87 -3.71
CA ALA A 111 11.78 -35.92 -3.18
C ALA A 111 13.26 -35.53 -3.28
N LEU A 112 13.65 -34.94 -4.41
CA LEU A 112 15.06 -34.51 -4.56
C LEU A 112 15.40 -33.41 -3.54
N ALA A 113 14.47 -32.48 -3.30
CA ALA A 113 14.74 -31.39 -2.37
C ALA A 113 14.84 -31.94 -0.94
N LEU A 114 13.96 -32.88 -0.57
CA LEU A 114 14.01 -33.46 0.76
C LEU A 114 15.29 -34.29 0.95
N GLU A 115 15.80 -34.91 -0.11
N GLU A 115 15.76 -34.89 -0.15
CA GLU A 115 17.03 -35.72 -0.01
CA GLU A 115 16.98 -35.71 -0.24
C GLU A 115 18.27 -34.81 0.02
C GLU A 115 18.25 -34.84 -0.21
N GLY A 116 18.09 -33.52 -0.31
CA GLY A 116 19.22 -32.58 -0.34
C GLY A 116 19.94 -32.57 -1.68
N ALA A 117 19.37 -33.23 -2.70
CA ALA A 117 20.00 -33.27 -4.04
C ALA A 117 19.90 -31.89 -4.71
N VAL A 118 18.83 -31.16 -4.39
CA VAL A 118 18.66 -29.74 -4.75
C VAL A 118 18.24 -29.03 -3.47
N ALA A 119 18.36 -27.69 -3.47
CA ALA A 119 18.10 -26.91 -2.27
C ALA A 119 16.80 -26.11 -2.35
N ALA A 120 16.16 -26.06 -3.51
CA ALA A 120 14.93 -25.29 -3.64
C ALA A 120 14.19 -25.75 -4.89
N ILE A 121 12.92 -25.32 -5.01
CA ILE A 121 12.13 -25.57 -6.21
C ILE A 121 11.50 -24.25 -6.65
N ALA A 122 11.62 -23.94 -7.94
CA ALA A 122 10.85 -22.87 -8.58
C ALA A 122 9.84 -23.55 -9.51
N THR A 123 8.55 -23.27 -9.35
CA THR A 123 7.54 -23.98 -10.10
C THR A 123 7.02 -23.17 -11.29
N ALA A 124 6.77 -23.87 -12.39
CA ALA A 124 6.02 -23.32 -13.51
C ALA A 124 4.54 -23.63 -13.26
N PRO A 125 3.61 -22.85 -13.83
N PRO A 125 3.61 -22.85 -13.84
CA PRO A 125 2.20 -23.00 -13.48
CA PRO A 125 2.20 -23.00 -13.53
C PRO A 125 1.54 -24.32 -13.91
C PRO A 125 1.54 -24.33 -13.93
N LEU A 126 0.58 -24.76 -13.11
CA LEU A 126 -0.24 -25.92 -13.42
C LEU A 126 -1.70 -25.48 -13.54
N ASN A 127 -2.49 -26.36 -14.15
CA ASN A 127 -3.90 -26.15 -14.37
C ASN A 127 -4.67 -27.06 -13.40
N LYS A 128 -5.44 -26.44 -12.51
CA LYS A 128 -6.17 -27.14 -11.47
C LYS A 128 -7.15 -28.17 -12.07
N GLU A 129 -7.88 -27.77 -13.12
CA GLU A 129 -8.88 -28.66 -13.72
C GLU A 129 -8.19 -29.94 -14.22
N ALA A 130 -7.05 -29.79 -14.90
CA ALA A 130 -6.34 -30.94 -15.45
C ALA A 130 -5.76 -31.79 -14.31
N LEU A 131 -5.26 -31.13 -13.26
CA LEU A 131 -4.72 -31.84 -12.10
C LEU A 131 -5.81 -32.73 -11.51
N HIS A 132 -7.04 -32.18 -11.39
CA HIS A 132 -8.15 -32.94 -10.83
C HIS A 132 -8.56 -34.09 -11.75
N LEU A 133 -8.54 -33.83 -13.07
N LEU A 133 -8.61 -33.83 -13.07
CA LEU A 133 -8.95 -34.81 -14.08
CA LEU A 133 -8.98 -34.86 -14.02
C LEU A 133 -7.99 -36.01 -14.08
C LEU A 133 -8.03 -36.07 -13.87
N ALA A 134 -6.76 -35.79 -13.61
CA ALA A 134 -5.73 -36.82 -13.49
C ALA A 134 -5.82 -37.54 -12.14
N GLY A 135 -6.81 -37.19 -11.32
CA GLY A 135 -7.04 -37.87 -10.05
C GLY A 135 -6.23 -37.32 -8.89
N HIS A 136 -5.71 -36.09 -9.02
CA HIS A 136 -4.94 -35.46 -7.97
C HIS A 136 -5.78 -34.33 -7.36
N ALA A 137 -6.45 -34.64 -6.25
CA ALA A 137 -7.41 -33.72 -5.64
C ALA A 137 -6.72 -32.71 -4.73
N TYR A 138 -6.11 -31.70 -5.35
CA TYR A 138 -5.45 -30.57 -4.66
C TYR A 138 -5.88 -29.27 -5.35
N PRO A 139 -6.10 -28.16 -4.61
CA PRO A 139 -6.45 -26.89 -5.24
C PRO A 139 -5.32 -26.31 -6.09
N GLY A 140 -4.08 -26.64 -5.73
CA GLY A 140 -2.93 -26.12 -6.43
C GLY A 140 -1.63 -26.56 -5.78
N HIS A 141 -0.54 -25.92 -6.20
CA HIS A 141 0.78 -26.23 -5.74
C HIS A 141 0.93 -26.20 -4.22
N THR A 142 0.41 -25.14 -3.60
CA THR A 142 0.70 -24.95 -2.20
C THR A 142 0.23 -26.14 -1.37
N GLU A 143 -1.01 -26.55 -1.58
CA GLU A 143 -1.56 -27.65 -0.81
C GLU A 143 -0.84 -28.96 -1.15
N LEU A 144 -0.49 -29.14 -2.43
CA LEU A 144 0.21 -30.35 -2.85
C LEU A 144 1.58 -30.42 -2.17
N LEU A 145 2.32 -29.31 -2.22
CA LEU A 145 3.64 -29.27 -1.58
C LEU A 145 3.53 -29.47 -0.07
N ALA A 146 2.53 -28.85 0.55
CA ALA A 146 2.35 -29.00 1.99
C ALA A 146 2.10 -30.48 2.32
N HIS A 147 1.26 -31.13 1.50
CA HIS A 147 0.94 -32.54 1.71
C HIS A 147 2.20 -33.41 1.57
N LEU A 148 2.98 -33.19 0.51
CA LEU A 148 4.14 -34.05 0.22
C LEU A 148 5.25 -33.85 1.26
N THR A 149 5.23 -32.73 1.99
CA THR A 149 6.28 -32.44 2.97
C THR A 149 5.73 -32.47 4.41
N GLN A 150 4.45 -32.86 4.56
CA GLN A 150 3.77 -32.90 5.87
C GLN A 150 3.89 -31.55 6.58
N THR A 151 3.70 -30.46 5.83
CA THR A 151 3.77 -29.11 6.39
C THR A 151 2.34 -28.60 6.63
N THR A 152 2.08 -28.17 7.86
N THR A 152 2.07 -28.14 7.85
CA THR A 152 0.79 -27.62 8.28
CA THR A 152 0.74 -27.59 8.19
C THR A 152 0.85 -26.09 8.21
C THR A 152 0.81 -26.05 8.28
N ASP A 153 1.98 -25.51 8.64
CA ASP A 153 2.14 -24.07 8.83
C ASP A 153 3.02 -23.45 7.75
N TYR A 154 2.39 -22.60 6.93
CA TYR A 154 3.07 -21.93 5.84
C TYR A 154 2.37 -20.60 5.54
N ALA A 155 3.06 -19.75 4.79
CA ALA A 155 2.54 -18.43 4.45
C ALA A 155 3.29 -17.88 3.25
N MET A 156 2.62 -16.97 2.52
CA MET A 156 3.19 -16.34 1.30
C MET A 156 4.08 -15.16 1.69
N VAL A 157 5.31 -15.18 1.19
CA VAL A 157 6.28 -14.13 1.38
C VAL A 157 6.60 -13.43 0.06
N LEU A 158 6.64 -12.10 0.12
CA LEU A 158 7.15 -11.25 -0.99
C LEU A 158 8.52 -10.75 -0.51
N TYR A 159 9.56 -10.95 -1.34
CA TYR A 159 10.95 -10.73 -0.91
C TYR A 159 11.68 -9.77 -1.84
N THR A 160 12.10 -8.63 -1.28
CA THR A 160 13.00 -7.71 -1.95
C THR A 160 14.06 -7.35 -0.89
N GLU A 161 15.16 -6.73 -1.32
N GLU A 161 15.18 -6.76 -1.33
CA GLU A 161 16.23 -6.45 -0.39
CA GLU A 161 16.26 -6.41 -0.42
C GLU A 161 15.78 -5.40 0.64
C GLU A 161 15.79 -5.39 0.63
N LYS A 162 14.93 -4.44 0.24
CA LYS A 162 14.49 -3.37 1.18
C LYS A 162 13.11 -3.61 1.81
N LEU A 163 12.25 -4.43 1.21
CA LEU A 163 10.90 -4.65 1.78
C LEU A 163 10.53 -6.12 1.61
N LYS A 164 10.24 -6.75 2.75
CA LYS A 164 9.82 -8.15 2.76
C LYS A 164 8.50 -8.21 3.53
N VAL A 165 7.55 -8.98 3.00
CA VAL A 165 6.24 -9.09 3.60
C VAL A 165 5.81 -10.55 3.66
N ILE A 166 5.15 -10.93 4.76
CA ILE A 166 4.56 -12.25 4.89
C ILE A 166 3.07 -12.03 5.19
N HIS A 167 2.19 -12.91 4.68
CA HIS A 167 0.75 -12.66 4.76
C HIS A 167 0.01 -13.61 5.71
N ILE A 168 -0.85 -13.02 6.56
CA ILE A 168 -1.75 -13.81 7.40
C ILE A 168 -2.74 -14.54 6.50
N THR A 169 -3.32 -13.78 5.55
CA THR A 169 -4.30 -14.32 4.59
C THR A 169 -3.99 -13.77 3.21
N THR A 170 -4.50 -14.44 2.18
CA THR A 170 -4.29 -14.04 0.80
C THR A 170 -5.62 -14.04 0.05
N HIS A 171 -5.94 -15.13 -0.66
CA HIS A 171 -7.06 -15.10 -1.62
C HIS A 171 -8.41 -15.44 -0.99
N ILE A 172 -8.91 -14.48 -0.22
CA ILE A 172 -10.23 -14.51 0.38
C ILE A 172 -10.80 -13.09 0.33
N SER A 173 -12.11 -12.98 0.50
CA SER A 173 -12.73 -11.66 0.52
C SER A 173 -12.28 -10.90 1.78
N LEU A 174 -12.34 -9.56 1.73
N LEU A 174 -12.40 -9.59 1.72
CA LEU A 174 -12.01 -8.77 2.95
CA LEU A 174 -12.02 -8.81 2.85
C LEU A 174 -12.94 -9.17 4.10
C LEU A 174 -12.93 -9.14 4.05
N ARG A 175 -14.22 -9.39 3.79
CA ARG A 175 -15.16 -9.75 4.85
C ARG A 175 -14.75 -11.10 5.47
N GLN A 176 -14.36 -12.06 4.62
N GLN A 176 -14.40 -12.06 4.60
CA GLN A 176 -13.99 -13.38 5.15
CA GLN A 176 -13.95 -13.37 5.07
C GLN A 176 -12.69 -13.26 5.97
C GLN A 176 -12.75 -13.19 5.99
N PHE A 177 -11.78 -12.39 5.54
CA PHE A 177 -10.58 -12.12 6.32
C PHE A 177 -10.97 -11.62 7.72
N LEU A 178 -11.88 -10.64 7.80
CA LEU A 178 -12.27 -10.10 9.10
C LEU A 178 -13.00 -11.14 9.94
N ASP A 179 -13.83 -11.96 9.31
CA ASP A 179 -14.65 -12.94 10.04
C ASP A 179 -13.83 -14.15 10.50
N THR A 180 -12.65 -14.36 9.91
CA THR A 180 -11.86 -15.54 10.27
C THR A 180 -10.55 -15.18 10.99
N LEU A 181 -10.24 -13.90 11.13
CA LEU A 181 -8.99 -13.49 11.77
C LEU A 181 -8.92 -14.10 13.17
N ASN A 182 -7.78 -14.72 13.49
CA ASN A 182 -7.63 -15.38 14.77
C ASN A 182 -6.18 -15.28 15.28
N GLN A 183 -6.05 -15.30 16.60
CA GLN A 183 -4.76 -15.14 17.25
C GLN A 183 -3.82 -16.29 16.91
N PRO A 184 -4.23 -17.57 16.93
CA PRO A 184 -3.30 -18.65 16.62
C PRO A 184 -2.62 -18.49 15.25
N ARG A 185 -3.38 -18.06 14.24
CA ARG A 185 -2.80 -17.91 12.91
C ARG A 185 -1.73 -16.82 12.93
N ILE A 186 -2.02 -15.70 13.60
CA ILE A 186 -1.02 -14.62 13.65
C ILE A 186 0.26 -15.10 14.34
N GLU A 187 0.11 -15.81 15.48
CA GLU A 187 1.30 -16.34 16.18
C GLU A 187 2.07 -17.28 15.24
N THR A 188 1.34 -18.14 14.54
CA THR A 188 1.96 -19.09 13.62
C THR A 188 2.79 -18.37 12.56
N VAL A 189 2.20 -17.34 11.94
CA VAL A 189 2.88 -16.65 10.85
C VAL A 189 4.10 -15.87 11.37
N ILE A 190 4.00 -15.30 12.57
CA ILE A 190 5.17 -14.63 13.16
C ILE A 190 6.29 -15.66 13.29
N GLY A 191 5.93 -16.86 13.76
CA GLY A 191 6.91 -17.95 13.92
C GLY A 191 7.54 -18.37 12.60
N VAL A 192 6.70 -18.52 11.57
CA VAL A 192 7.19 -18.89 10.23
C VAL A 192 8.16 -17.80 9.76
N ALA A 193 7.79 -16.53 9.96
CA ALA A 193 8.63 -15.41 9.53
C ALA A 193 10.00 -15.45 10.25
N ASP A 194 9.98 -15.66 11.56
CA ASP A 194 11.21 -15.64 12.34
C ASP A 194 12.13 -16.77 11.89
N ARG A 195 11.56 -17.96 11.72
CA ARG A 195 12.35 -19.11 11.32
C ARG A 195 12.92 -18.92 9.91
N PHE A 196 12.10 -18.36 9.01
CA PHE A 196 12.51 -18.12 7.64
C PHE A 196 13.70 -17.14 7.62
N LEU A 197 13.56 -16.03 8.34
CA LEU A 197 14.63 -15.04 8.31
C LEU A 197 15.89 -15.55 9.03
N ARG A 198 15.75 -16.31 10.11
CA ARG A 198 16.94 -16.86 10.79
C ARG A 198 17.68 -17.82 9.85
N ARG A 199 16.91 -18.59 9.07
N ARG A 199 16.92 -18.52 9.00
CA ARG A 199 17.50 -19.53 8.13
CA ARG A 199 17.51 -19.50 8.09
C ARG A 199 18.32 -18.76 7.09
C ARG A 199 18.08 -18.80 6.84
N VAL A 200 17.74 -17.65 6.59
N VAL A 200 17.81 -17.50 6.65
CA VAL A 200 18.40 -16.78 5.62
CA VAL A 200 18.42 -16.81 5.51
C VAL A 200 19.73 -16.28 6.20
C VAL A 200 19.47 -15.80 6.01
N GLY A 201 19.77 -16.03 7.51
N GLY A 201 19.97 -15.99 7.24
CA GLY A 201 20.99 -15.54 8.13
CA GLY A 201 21.11 -15.16 7.71
C GLY A 201 20.79 -14.21 8.85
C GLY A 201 20.88 -14.37 8.99
N TYR A 202 19.59 -14.04 9.41
N TYR A 202 19.70 -13.75 9.13
CA TYR A 202 19.31 -12.90 10.27
CA TYR A 202 19.39 -12.86 10.26
C TYR A 202 19.18 -13.46 11.67
C TYR A 202 19.29 -13.62 11.58
N PRO A 203 20.24 -13.43 12.53
CA PRO A 203 20.14 -14.10 13.83
C PRO A 203 19.05 -13.54 14.74
N ARG A 204 18.67 -12.27 14.54
CA ARG A 204 17.67 -11.63 15.38
C ARG A 204 16.78 -10.79 14.47
N PRO A 205 15.92 -11.44 13.66
CA PRO A 205 15.08 -10.71 12.73
C PRO A 205 14.16 -9.71 13.43
N ARG A 206 14.03 -8.53 12.83
CA ARG A 206 13.15 -7.49 13.33
C ARG A 206 11.85 -7.59 12.53
N ILE A 207 10.78 -8.06 13.19
CA ILE A 207 9.51 -8.29 12.52
C ILE A 207 8.48 -7.30 13.04
N ALA A 208 7.81 -6.60 12.11
CA ALA A 208 6.72 -5.70 12.48
C ALA A 208 5.41 -6.32 12.03
N VAL A 209 4.38 -6.22 12.85
CA VAL A 209 3.06 -6.75 12.53
C VAL A 209 2.11 -5.59 12.25
N ALA A 210 1.52 -5.57 11.05
CA ALA A 210 0.57 -4.55 10.70
C ALA A 210 -0.73 -4.74 11.47
N GLY A 211 -1.39 -3.61 11.77
CA GLY A 211 -2.73 -3.65 12.30
C GLY A 211 -3.74 -3.97 11.20
N VAL A 212 -5.02 -3.97 11.59
CA VAL A 212 -6.15 -4.24 10.73
C VAL A 212 -6.81 -2.93 10.29
N ASN A 213 -7.03 -2.06 11.29
CA ASN A 213 -7.78 -0.83 11.14
C ASN A 213 -6.86 0.36 10.95
N PRO A 214 -7.40 1.51 10.47
CA PRO A 214 -6.57 2.70 10.31
C PRO A 214 -5.89 3.02 11.64
N HIS A 215 -4.63 3.45 11.55
CA HIS A 215 -3.86 3.82 12.75
C HIS A 215 -3.78 2.66 13.75
N ALA A 216 -3.83 1.43 13.23
N ALA A 216 -4.00 1.43 13.28
CA ALA A 216 -3.83 0.24 14.06
CA ALA A 216 -4.00 0.24 14.17
C ALA A 216 -4.86 0.40 15.18
C ALA A 216 -5.15 0.29 15.19
N GLY A 217 -5.98 1.06 14.84
N GLY A 217 -6.29 0.87 14.78
CA GLY A 217 -7.11 1.24 15.74
CA GLY A 217 -7.54 0.85 15.58
C GLY A 217 -7.07 2.55 16.52
C GLY A 217 -7.63 1.91 16.67
N GLU A 218 -5.93 3.22 16.55
N GLU A 218 -6.56 2.69 16.85
CA GLU A 218 -5.83 4.50 17.28
CA GLU A 218 -6.46 3.74 17.89
C GLU A 218 -6.29 4.31 18.73
C GLU A 218 -7.23 3.40 19.16
N ASN A 219 -5.66 3.37 19.44
N ASN A 219 -6.72 2.41 19.90
CA ASN A 219 -5.98 3.10 20.84
CA ASN A 219 -7.23 2.07 21.23
C ASN A 219 -7.48 2.75 20.99
C ASN A 219 -8.69 1.60 21.19
N GLY A 220 -8.02 2.05 20.00
N GLY A 220 -9.11 1.01 20.07
CA GLY A 220 -9.39 1.56 20.06
CA GLY A 220 -10.45 0.41 19.95
C GLY A 220 -10.41 2.48 19.40
C GLY A 220 -11.49 1.39 19.42
N LEU A 221 -10.02 3.71 19.04
N LEU A 221 -11.07 2.64 19.16
CA LEU A 221 -10.98 4.65 18.45
CA LEU A 221 -11.99 3.67 18.67
C LEU A 221 -11.55 4.10 17.13
C LEU A 221 -12.24 3.48 17.17
N PHE A 222 -10.75 3.34 16.36
N PHE A 222 -11.25 2.94 16.45
CA PHE A 222 -11.22 2.85 15.04
CA PHE A 222 -11.41 2.67 15.01
C PHE A 222 -11.30 1.32 14.97
C PHE A 222 -11.41 1.16 14.81
N GLY A 223 -11.65 0.66 16.08
N GLY A 223 -11.82 0.43 15.85
CA GLY A 223 -11.85 -0.80 16.03
CA GLY A 223 -11.87 -1.00 15.80
C GLY A 223 -11.10 -1.54 17.12
C GLY A 223 -11.03 -1.60 16.93
N ASP A 224 -11.38 -2.84 17.26
CA ASP A 224 -10.76 -3.54 18.37
C ASP A 224 -10.01 -4.82 17.98
N GLU A 225 -9.82 -5.13 16.70
CA GLU A 225 -9.07 -6.34 16.34
C GLU A 225 -7.66 -6.29 16.93
N GLU A 226 -7.05 -5.11 16.98
CA GLU A 226 -5.70 -4.99 17.50
C GLU A 226 -5.66 -5.36 18.99
N ILE A 227 -6.59 -4.82 19.77
CA ILE A 227 -6.58 -5.06 21.20
C ILE A 227 -6.92 -6.52 21.49
N ARG A 228 -7.89 -7.08 20.77
CA ARG A 228 -8.43 -8.39 21.11
C ARG A 228 -7.66 -9.55 20.48
N ILE A 229 -7.04 -9.32 19.31
CA ILE A 229 -6.46 -10.44 18.54
C ILE A 229 -4.98 -10.20 18.22
N VAL A 230 -4.65 -9.05 17.63
CA VAL A 230 -3.29 -8.88 17.10
C VAL A 230 -2.27 -8.63 18.23
N ALA A 231 -2.56 -7.69 19.14
CA ALA A 231 -1.59 -7.38 20.21
C ALA A 231 -1.30 -8.62 21.06
N PRO A 232 -2.31 -9.44 21.43
CA PRO A 232 -2.02 -10.66 22.20
C PRO A 232 -1.09 -11.62 21.45
N ALA A 233 -1.23 -11.72 20.12
CA ALA A 233 -0.34 -12.57 19.33
C ALA A 233 1.11 -12.06 19.40
N VAL A 234 1.27 -10.75 19.24
CA VAL A 234 2.59 -10.13 19.30
C VAL A 234 3.22 -10.41 20.69
N ALA A 235 2.44 -10.20 21.76
CA ALA A 235 2.98 -10.41 23.11
C ALA A 235 3.39 -11.87 23.31
N ALA A 236 2.58 -12.80 22.80
CA ALA A 236 2.88 -14.21 22.98
C ALA A 236 4.21 -14.57 22.30
N MET A 237 4.46 -13.99 21.13
CA MET A 237 5.68 -14.31 20.39
C MET A 237 6.88 -13.54 20.96
N ARG A 238 6.66 -12.35 21.52
CA ARG A 238 7.76 -11.66 22.21
C ARG A 238 8.23 -12.50 23.40
N ALA A 239 7.28 -13.20 24.04
CA ALA A 239 7.61 -14.07 25.20
C ALA A 239 8.44 -15.28 24.77
N LYS A 240 8.52 -15.51 23.45
N LYS A 240 8.49 -15.52 23.46
CA LYS A 240 9.34 -16.62 22.92
CA LYS A 240 9.31 -16.63 22.90
C LYS A 240 10.63 -16.06 22.33
C LYS A 240 10.60 -16.05 22.29
N GLY A 241 10.96 -14.82 22.64
CA GLY A 241 12.21 -14.19 22.21
C GLY A 241 12.24 -13.66 20.79
N VAL A 242 11.08 -13.61 20.12
CA VAL A 242 11.05 -13.06 18.79
C VAL A 242 11.03 -11.54 18.91
N GLU A 243 11.87 -10.87 18.11
N GLU A 243 11.87 -10.85 18.11
CA GLU A 243 11.93 -9.41 18.10
CA GLU A 243 11.93 -9.38 18.14
C GLU A 243 10.79 -8.93 17.20
C GLU A 243 10.80 -8.85 17.24
N VAL A 244 9.56 -9.03 17.71
CA VAL A 244 8.38 -8.66 16.97
C VAL A 244 7.71 -7.46 17.65
N THR A 245 7.29 -6.49 16.83
N THR A 245 7.32 -6.50 16.81
CA THR A 245 6.63 -5.31 17.36
CA THR A 245 6.69 -5.25 17.20
C THR A 245 5.37 -5.03 16.54
C THR A 245 5.29 -5.18 16.58
N GLY A 246 4.38 -4.48 17.24
CA GLY A 246 3.08 -4.19 16.65
C GLY A 246 1.96 -4.42 17.66
N PRO A 247 0.71 -4.24 17.23
CA PRO A 247 0.35 -3.86 15.87
C PRO A 247 0.75 -2.43 15.51
N CYS A 248 1.19 -2.26 14.27
CA CYS A 248 1.67 -0.99 13.75
C CYS A 248 0.66 -0.41 12.77
N PRO A 249 0.50 0.93 12.71
CA PRO A 249 -0.38 1.53 11.71
C PRO A 249 -0.05 1.01 10.32
N PRO A 250 -1.02 0.45 9.60
CA PRO A 250 -0.71 -0.10 8.29
C PRO A 250 -0.07 0.91 7.32
N ASP A 251 -0.47 2.18 7.42
CA ASP A 251 0.04 3.12 6.42
C ASP A 251 1.45 3.62 6.71
N THR A 252 2.04 3.25 7.85
CA THR A 252 3.45 3.61 8.07
C THR A 252 4.37 2.39 8.16
N VAL A 253 3.81 1.21 8.44
CA VAL A 253 4.69 0.07 8.77
C VAL A 253 5.48 -0.40 7.54
N PHE A 254 4.85 -0.43 6.35
CA PHE A 254 5.58 -0.86 5.15
C PHE A 254 6.67 0.15 4.78
N MET A 255 6.35 1.44 4.92
N MET A 255 6.34 1.43 4.93
CA MET A 255 7.33 2.49 4.67
CA MET A 255 7.27 2.53 4.71
C MET A 255 8.51 2.31 5.62
C MET A 255 8.49 2.38 5.63
N GLN A 256 8.22 2.08 6.91
CA GLN A 256 9.30 1.93 7.91
C GLN A 256 10.19 0.73 7.56
N CYS A 257 9.57 -0.38 7.15
CA CYS A 257 10.34 -1.55 6.76
C CYS A 257 11.24 -1.20 5.56
N HIS A 258 10.66 -0.51 4.58
CA HIS A 258 11.37 -0.11 3.38
C HIS A 258 12.56 0.80 3.72
N GLU A 259 12.45 1.57 4.80
N GLU A 259 12.43 1.57 4.82
CA GLU A 259 13.52 2.51 5.20
CA GLU A 259 13.49 2.53 5.21
C GLU A 259 14.60 1.82 6.02
C GLU A 259 14.44 1.88 6.24
N GLY A 260 14.36 0.55 6.39
CA GLY A 260 15.34 -0.23 7.15
C GLY A 260 15.10 -0.37 8.64
N MET A 261 13.90 0.00 9.12
CA MET A 261 13.57 -0.07 10.55
C MET A 261 13.22 -1.51 10.95
N TYR A 262 12.77 -2.31 9.99
CA TYR A 262 12.38 -3.70 10.20
C TYR A 262 12.88 -4.54 9.04
N ASP A 263 12.96 -5.85 9.27
CA ASP A 263 13.40 -6.77 8.24
C ASP A 263 12.19 -7.31 7.45
N MET A 264 11.04 -7.45 8.10
CA MET A 264 9.88 -8.00 7.45
C MET A 264 8.62 -7.49 8.15
N VAL A 265 7.55 -7.31 7.36
CA VAL A 265 6.26 -6.94 7.88
C VAL A 265 5.31 -8.12 7.72
N VAL A 266 4.53 -8.38 8.77
CA VAL A 266 3.44 -9.31 8.70
C VAL A 266 2.17 -8.54 8.31
N ALA A 267 1.74 -8.74 7.06
CA ALA A 267 0.54 -8.11 6.50
C ALA A 267 -0.68 -8.96 6.84
N MET A 268 -1.80 -8.31 7.14
CA MET A 268 -3.00 -9.00 7.56
C MET A 268 -3.78 -9.62 6.39
N TYR A 269 -3.77 -8.94 5.25
CA TYR A 269 -4.60 -9.36 4.12
C TYR A 269 -3.85 -9.03 2.82
N HIS A 270 -4.31 -9.67 1.75
CA HIS A 270 -3.69 -9.68 0.43
C HIS A 270 -3.25 -8.28 0.00
N ASP A 271 -4.22 -7.36 -0.12
CA ASP A 271 -3.90 -6.06 -0.70
C ASP A 271 -3.01 -5.22 0.21
N GLN A 272 -3.09 -5.46 1.52
CA GLN A 272 -2.30 -4.70 2.45
C GLN A 272 -0.82 -4.88 2.13
N GLY A 273 -0.43 -6.12 1.79
CA GLY A 273 0.96 -6.44 1.44
C GLY A 273 1.27 -6.29 -0.05
N HIS A 274 0.28 -6.54 -0.90
CA HIS A 274 0.51 -6.53 -2.36
C HIS A 274 0.54 -5.10 -2.93
N ILE A 275 -0.27 -4.19 -2.38
CA ILE A 275 -0.26 -2.81 -2.89
C ILE A 275 1.14 -2.23 -2.81
N PRO A 276 1.83 -2.26 -1.63
CA PRO A 276 3.15 -1.63 -1.55
C PRO A 276 4.19 -2.30 -2.47
N LEU A 277 4.18 -3.63 -2.57
CA LEU A 277 5.21 -4.28 -3.39
C LEU A 277 5.05 -3.95 -4.88
N LYS A 278 3.80 -3.94 -5.35
N LYS A 278 3.79 -3.97 -5.37
CA LYS A 278 3.55 -3.70 -6.77
CA LYS A 278 3.57 -3.69 -6.78
C LYS A 278 3.79 -2.21 -7.11
C LYS A 278 3.87 -2.22 -7.10
N LEU A 279 3.67 -1.33 -6.13
CA LEU A 279 3.92 0.10 -6.35
C LEU A 279 5.42 0.36 -6.55
N LEU A 280 6.26 -0.45 -5.89
CA LEU A 280 7.71 -0.28 -5.98
C LEU A 280 8.24 -0.91 -7.27
N GLY A 281 7.35 -1.49 -8.09
CA GLY A 281 7.72 -2.00 -9.41
C GLY A 281 7.66 -3.51 -9.54
N PHE A 282 7.42 -4.22 -8.44
CA PHE A 282 7.40 -5.70 -8.45
C PHE A 282 5.99 -6.17 -8.85
N TYR A 283 5.69 -6.07 -10.15
CA TYR A 283 4.36 -6.34 -10.70
C TYR A 283 4.18 -7.81 -11.13
N ASP A 284 5.25 -8.61 -11.06
CA ASP A 284 5.19 -10.01 -11.53
C ASP A 284 4.62 -10.96 -10.47
N GLY A 285 4.55 -10.51 -9.22
CA GLY A 285 3.98 -11.32 -8.16
C GLY A 285 4.79 -12.58 -7.89
N VAL A 286 6.12 -12.47 -7.95
CA VAL A 286 6.95 -13.58 -7.56
C VAL A 286 6.86 -13.69 -6.02
N ASN A 287 6.70 -14.91 -5.51
CA ASN A 287 6.55 -15.10 -4.10
C ASN A 287 7.15 -16.43 -3.66
N ILE A 288 7.42 -16.49 -2.35
CA ILE A 288 7.97 -17.66 -1.66
C ILE A 288 6.87 -18.29 -0.81
N THR A 289 6.75 -19.61 -0.88
CA THR A 289 5.87 -20.35 0.02
C THR A 289 6.72 -20.70 1.25
N ALA A 290 6.66 -19.84 2.26
CA ALA A 290 7.52 -19.99 3.43
C ALA A 290 6.94 -21.01 4.41
N GLY A 291 7.82 -21.76 5.07
CA GLY A 291 7.42 -22.74 6.07
C GLY A 291 7.61 -24.18 5.63
N LEU A 292 7.78 -24.42 4.32
CA LEU A 292 8.12 -25.73 3.83
C LEU A 292 9.54 -26.05 4.26
N PRO A 293 9.98 -27.33 4.24
N PRO A 293 9.97 -27.32 4.24
CA PRO A 293 11.34 -27.71 4.64
CA PRO A 293 11.33 -27.67 4.67
C PRO A 293 12.44 -27.24 3.68
C PRO A 293 12.41 -27.08 3.75
N PHE A 294 12.03 -26.73 2.52
CA PHE A 294 12.94 -26.16 1.53
C PHE A 294 12.26 -24.93 0.93
N ILE A 295 13.08 -24.08 0.31
CA ILE A 295 12.60 -22.90 -0.36
C ILE A 295 11.80 -23.30 -1.61
N ARG A 296 10.62 -22.69 -1.78
CA ARG A 296 9.87 -22.84 -3.02
C ARG A 296 9.38 -21.46 -3.45
N THR A 297 9.54 -21.17 -4.75
CA THR A 297 9.09 -19.93 -5.35
C THR A 297 8.15 -20.23 -6.51
N SER A 298 7.45 -19.17 -6.94
CA SER A 298 6.57 -19.18 -8.08
C SER A 298 6.28 -17.73 -8.49
N ALA A 299 5.78 -17.57 -9.71
CA ALA A 299 5.29 -16.28 -10.20
C ALA A 299 3.76 -16.37 -10.19
N ASP A 300 3.08 -15.21 -10.26
CA ASP A 300 1.59 -15.15 -10.09
C ASP A 300 0.84 -15.42 -11.40
N HIS A 301 1.55 -15.78 -12.47
CA HIS A 301 0.90 -16.10 -13.74
C HIS A 301 0.25 -17.50 -13.66
N GLY A 302 -0.76 -17.72 -14.53
CA GLY A 302 -1.42 -19.02 -14.68
C GLY A 302 -0.85 -19.75 -15.90
N THR A 303 -1.53 -20.82 -16.33
CA THR A 303 -1.07 -21.60 -17.47
C THR A 303 -1.24 -20.87 -18.80
N ALA A 304 -2.07 -19.82 -18.84
CA ALA A 304 -2.23 -18.99 -20.05
C ALA A 304 -2.48 -19.87 -21.27
N PHE A 305 -3.46 -20.78 -21.17
CA PHE A 305 -3.80 -21.63 -22.30
C PHE A 305 -4.16 -20.77 -23.52
N ASP A 306 -4.62 -19.52 -23.31
CA ASP A 306 -5.01 -18.58 -24.39
C ASP A 306 -3.85 -18.33 -25.36
N ILE A 307 -2.61 -18.40 -24.86
CA ILE A 307 -1.42 -18.10 -25.70
C ILE A 307 -0.37 -19.22 -25.64
N ALA A 308 -0.67 -20.32 -24.97
CA ALA A 308 0.30 -21.40 -24.82
C ALA A 308 0.81 -21.88 -26.19
N TRP A 309 2.14 -22.07 -26.25
CA TRP A 309 2.90 -22.62 -27.38
C TRP A 309 2.94 -21.68 -28.58
N THR A 310 2.81 -20.37 -28.32
CA THR A 310 2.88 -19.36 -29.38
C THR A 310 4.10 -18.46 -29.23
N GLY A 311 4.77 -18.55 -28.07
CA GLY A 311 5.96 -17.72 -27.81
C GLY A 311 5.63 -16.31 -27.36
N LYS A 312 4.35 -16.01 -27.08
CA LYS A 312 4.00 -14.67 -26.68
C LYS A 312 4.13 -14.46 -25.17
N ALA A 313 3.99 -15.51 -24.38
CA ALA A 313 4.06 -15.35 -22.92
C ALA A 313 5.43 -14.80 -22.52
N LYS A 314 5.41 -13.85 -21.59
CA LYS A 314 6.62 -13.26 -21.08
C LYS A 314 7.25 -14.22 -20.08
N SER A 315 8.58 -14.35 -20.16
CA SER A 315 9.33 -15.26 -19.30
C SER A 315 10.01 -14.53 -18.13
N GLU A 316 9.89 -13.20 -18.07
CA GLU A 316 10.61 -12.45 -17.05
C GLU A 316 10.27 -12.90 -15.63
N SER A 317 8.99 -13.12 -15.33
CA SER A 317 8.63 -13.50 -13.96
C SER A 317 9.15 -14.91 -13.62
N MET A 318 9.17 -15.81 -14.61
CA MET A 318 9.71 -17.13 -14.37
C MET A 318 11.20 -17.03 -14.03
N ALA A 319 11.92 -16.22 -14.81
CA ALA A 319 13.35 -16.03 -14.56
C ALA A 319 13.59 -15.43 -13.18
N THR A 320 12.80 -14.42 -12.81
CA THR A 320 12.94 -13.78 -11.52
C THR A 320 12.69 -14.79 -10.39
N SER A 321 11.71 -15.69 -10.57
N SER A 321 11.71 -15.66 -10.60
CA SER A 321 11.36 -16.71 -9.54
CA SER A 321 11.38 -16.64 -9.62
C SER A 321 12.49 -17.75 -9.41
C SER A 321 12.53 -17.64 -9.43
N ILE A 322 13.11 -18.08 -10.53
CA ILE A 322 14.23 -19.03 -10.51
C ILE A 322 15.43 -18.38 -9.80
N GLU A 323 15.68 -17.12 -10.14
CA GLU A 323 16.76 -16.37 -9.55
C GLU A 323 16.58 -16.24 -8.04
N LEU A 324 15.35 -15.96 -7.60
CA LEU A 324 15.08 -15.79 -6.18
C LEU A 324 15.28 -17.13 -5.44
N ALA A 325 14.76 -18.22 -6.01
CA ALA A 325 14.94 -19.53 -5.37
C ALA A 325 16.43 -19.83 -5.23
N MET A 326 17.18 -19.59 -6.31
CA MET A 326 18.60 -19.88 -6.33
C MET A 326 19.33 -19.04 -5.27
N HIS A 327 18.93 -17.77 -5.15
CA HIS A 327 19.56 -16.86 -4.21
C HIS A 327 19.30 -17.26 -2.76
N ILE A 328 18.02 -17.47 -2.41
CA ILE A 328 17.65 -17.77 -1.03
C ILE A 328 18.14 -19.16 -0.64
N ALA A 329 18.24 -20.05 -1.63
CA ALA A 329 18.71 -21.43 -1.39
C ALA A 329 20.14 -21.47 -0.87
N GLN A 330 20.92 -20.41 -1.14
CA GLN A 330 22.34 -20.42 -0.78
C GLN A 330 22.55 -20.20 0.72
N GLU A 331 21.51 -19.91 1.49
CA GLU A 331 21.86 -19.71 2.89
C GLU A 331 22.01 -21.07 3.58
N SER B 5 -0.90 38.02 -7.01
CA SER B 5 -0.37 37.08 -5.99
C SER B 5 -1.52 36.45 -5.19
N LYS B 6 -1.74 35.15 -5.41
CA LYS B 6 -2.77 34.40 -4.71
C LYS B 6 -2.26 34.10 -3.29
N MET B 7 -3.07 34.47 -2.30
CA MET B 7 -2.70 34.32 -0.91
C MET B 7 -3.37 33.10 -0.28
N ILE B 8 -2.71 32.56 0.74
CA ILE B 8 -3.20 31.46 1.58
C ILE B 8 -3.45 32.02 2.98
N ALA B 9 -4.59 31.65 3.58
CA ALA B 9 -4.78 31.91 5.00
C ALA B 9 -4.35 30.67 5.78
N VAL B 10 -3.69 30.89 6.91
CA VAL B 10 -3.31 29.86 7.83
C VAL B 10 -4.01 30.12 9.16
N THR B 11 -4.76 29.12 9.65
CA THR B 11 -5.45 29.29 10.92
C THR B 11 -4.58 28.80 12.07
N MET B 12 -4.65 29.52 13.19
CA MET B 12 -3.81 29.23 14.35
C MET B 12 -4.09 27.85 14.98
N GLY B 13 -5.33 27.37 14.90
CA GLY B 13 -5.66 26.19 15.65
C GLY B 13 -5.73 26.49 17.15
N ASP B 14 -5.58 25.44 17.97
CA ASP B 14 -5.63 25.62 19.40
C ASP B 14 -4.35 26.33 19.85
N PRO B 15 -4.44 27.53 20.45
CA PRO B 15 -3.24 28.28 20.80
C PRO B 15 -2.41 27.65 21.93
N ALA B 16 -3.02 26.74 22.70
CA ALA B 16 -2.32 26.03 23.77
C ALA B 16 -1.52 24.86 23.21
N GLY B 17 -1.76 24.52 21.94
CA GLY B 17 -1.04 23.44 21.26
C GLY B 17 0.17 23.95 20.50
N ILE B 18 0.66 23.13 19.56
CA ILE B 18 1.86 23.44 18.79
C ILE B 18 1.56 24.35 17.60
N GLY B 19 0.29 24.67 17.32
CA GLY B 19 -0.02 25.47 16.13
C GLY B 19 0.78 26.76 16.05
N PRO B 20 0.75 27.61 17.10
CA PRO B 20 1.50 28.87 17.04
C PRO B 20 2.98 28.70 16.68
N GLU B 21 3.66 27.76 17.36
CA GLU B 21 5.09 27.64 17.14
C GLU B 21 5.41 27.06 15.77
N ILE B 22 4.59 26.11 15.27
CA ILE B 22 4.92 25.53 13.95
C ILE B 22 4.57 26.52 12.83
N ILE B 23 3.61 27.42 13.07
CA ILE B 23 3.32 28.47 12.11
C ILE B 23 4.52 29.42 12.04
N ILE B 24 5.05 29.84 13.20
CA ILE B 24 6.18 30.77 13.22
C ILE B 24 7.38 30.10 12.53
N LYS B 25 7.66 28.84 12.88
CA LYS B 25 8.82 28.16 12.30
C LYS B 25 8.70 28.05 10.78
N SER B 26 7.48 27.77 10.30
N SER B 26 7.49 27.80 10.28
CA SER B 26 7.21 27.60 8.87
CA SER B 26 7.29 27.57 8.84
C SER B 26 7.44 28.90 8.09
C SER B 26 7.31 28.89 8.04
N LEU B 27 7.04 30.02 8.69
CA LEU B 27 7.01 31.32 7.97
C LEU B 27 8.18 32.23 8.29
N ALA B 28 8.92 31.97 9.36
CA ALA B 28 9.96 32.92 9.80
C ALA B 28 11.25 32.78 9.00
N GLU B 29 11.48 31.58 8.46
CA GLU B 29 12.72 31.31 7.74
C GLU B 29 12.49 30.16 6.77
N GLY B 30 13.45 29.96 5.87
CA GLY B 30 13.35 28.87 4.92
C GLY B 30 12.54 29.26 3.68
N ALA B 31 12.05 28.24 2.98
CA ALA B 31 11.40 28.40 1.67
C ALA B 31 10.15 29.29 1.71
N LEU B 32 9.43 29.31 2.83
CA LEU B 32 8.18 30.10 2.89
C LEU B 32 8.40 31.50 3.47
N SER B 33 9.65 31.85 3.79
CA SER B 33 9.91 33.19 4.30
C SER B 33 9.54 34.21 3.22
N GLY B 34 8.61 35.12 3.56
CA GLY B 34 8.14 36.14 2.62
C GLY B 34 7.08 35.64 1.64
N ALA B 35 6.58 34.40 1.84
CA ALA B 35 5.54 33.83 0.98
C ALA B 35 4.20 34.53 1.21
N PRO B 36 3.26 34.48 0.24
CA PRO B 36 1.99 35.18 0.37
C PRO B 36 1.00 34.43 1.26
N VAL B 37 1.26 34.50 2.57
CA VAL B 37 0.52 33.78 3.56
C VAL B 37 0.05 34.76 4.64
N VAL B 38 -1.22 34.69 5.01
CA VAL B 38 -1.77 35.52 6.05
C VAL B 38 -2.23 34.61 7.19
N VAL B 39 -1.71 34.85 8.40
CA VAL B 39 -2.11 34.08 9.55
C VAL B 39 -3.35 34.71 10.18
N VAL B 40 -4.38 33.89 10.44
CA VAL B 40 -5.56 34.31 11.20
C VAL B 40 -5.38 33.66 12.57
N GLY B 41 -5.06 34.50 13.56
CA GLY B 41 -4.72 33.98 14.87
C GLY B 41 -4.55 35.09 15.88
N CYS B 42 -4.32 34.68 17.13
CA CYS B 42 -4.12 35.61 18.21
C CYS B 42 -2.69 36.15 18.16
N ALA B 43 -2.55 37.43 17.80
CA ALA B 43 -1.21 38.02 17.69
C ALA B 43 -0.48 38.02 19.05
N GLN B 44 -1.23 38.32 20.13
CA GLN B 44 -0.59 38.31 21.45
C GLN B 44 -0.01 36.93 21.77
N THR B 45 -0.70 35.87 21.35
CA THR B 45 -0.18 34.52 21.55
C THR B 45 1.12 34.33 20.78
N LEU B 46 1.13 34.75 19.50
CA LEU B 46 2.38 34.64 18.72
C LEU B 46 3.51 35.39 19.42
N ARG B 47 3.20 36.56 20.00
CA ARG B 47 4.26 37.32 20.69
C ARG B 47 4.76 36.56 21.92
N ARG B 48 3.85 35.91 22.65
CA ARG B 48 4.30 35.11 23.80
C ARG B 48 5.26 34.01 23.35
N ILE B 49 4.93 33.34 22.24
CA ILE B 49 5.80 32.28 21.70
C ILE B 49 7.16 32.87 21.33
N LEU B 50 7.16 34.01 20.65
CA LEU B 50 8.43 34.62 20.23
C LEU B 50 9.29 34.94 21.45
N ALA B 51 8.65 35.40 22.54
CA ALA B 51 9.42 35.78 23.74
C ALA B 51 10.03 34.57 24.45
N LEU B 52 9.55 33.35 24.14
CA LEU B 52 10.08 32.13 24.79
C LEU B 52 11.36 31.63 24.13
N ASN B 53 11.74 32.19 22.98
CA ASN B 53 12.99 31.77 22.29
C ASN B 53 12.97 30.26 22.02
N ILE B 54 11.90 29.79 21.39
CA ILE B 54 11.73 28.39 21.01
C ILE B 54 11.49 28.29 19.51
N THR B 55 11.67 29.42 18.82
CA THR B 55 11.49 29.52 17.39
C THR B 55 12.49 30.51 16.82
N PRO B 56 12.70 30.57 15.49
CA PRO B 56 13.44 31.67 14.91
C PRO B 56 12.72 33.00 15.20
N ARG B 57 13.43 34.09 14.98
CA ARG B 57 12.90 35.41 15.16
C ARG B 57 11.96 35.75 14.00
N ALA B 58 10.97 36.59 14.28
CA ALA B 58 10.09 37.08 13.25
C ALA B 58 9.46 38.39 13.72
N GLU B 59 9.26 39.30 12.78
CA GLU B 59 8.48 40.50 13.03
C GLU B 59 7.04 40.20 12.62
N LEU B 60 6.07 40.70 13.40
CA LEU B 60 4.69 40.55 13.01
C LEU B 60 4.23 41.85 12.36
N ARG B 61 3.52 41.72 11.25
N ARG B 61 3.52 41.73 11.24
CA ARG B 61 2.87 42.84 10.65
CA ARG B 61 2.85 42.87 10.60
C ARG B 61 1.38 42.56 10.79
C ARG B 61 1.35 42.62 10.72
N ILE B 62 0.70 43.34 11.64
CA ILE B 62 -0.71 43.15 11.88
C ILE B 62 -1.47 43.86 10.76
N ILE B 63 -2.53 43.21 10.27
CA ILE B 63 -3.34 43.75 9.19
C ILE B 63 -4.82 43.48 9.48
N ASP B 64 -5.67 44.18 8.73
CA ASP B 64 -7.13 44.07 8.87
C ASP B 64 -7.77 43.20 7.78
N HIS B 65 -7.07 42.99 6.67
CA HIS B 65 -7.63 42.31 5.52
C HIS B 65 -6.49 41.82 4.67
N PRO B 66 -6.61 40.65 4.00
CA PRO B 66 -5.50 40.15 3.18
C PRO B 66 -4.97 41.13 2.12
N ALA B 67 -5.85 41.98 1.56
CA ALA B 67 -5.41 42.93 0.53
C ALA B 67 -4.41 43.95 1.09
N GLU B 68 -4.30 44.03 2.42
CA GLU B 68 -3.41 45.00 3.07
C GLU B 68 -2.11 44.32 3.51
N ALA B 69 -1.93 43.04 3.17
CA ALA B 69 -0.71 42.36 3.51
C ALA B 69 0.46 42.93 2.69
N SER B 70 1.65 42.87 3.28
N SER B 70 1.65 42.88 3.30
CA SER B 70 2.88 43.25 2.61
CA SER B 70 2.92 43.28 2.70
C SER B 70 3.92 42.19 2.99
C SER B 70 3.92 42.16 3.02
N PHE B 71 4.30 41.39 2.00
CA PHE B 71 5.12 40.23 2.24
C PHE B 71 6.61 40.55 2.11
N SER B 72 7.36 40.04 3.09
CA SER B 72 8.80 40.18 3.07
C SER B 72 9.42 39.10 3.94
N PRO B 73 10.69 38.74 3.68
CA PRO B 73 11.34 37.72 4.50
C PRO B 73 11.37 38.09 5.99
N ALA B 74 11.09 37.08 6.83
CA ALA B 74 11.18 37.17 8.29
C ALA B 74 10.08 38.05 8.90
N THR B 75 9.07 38.42 8.10
CA THR B 75 7.87 39.09 8.61
C THR B 75 6.69 38.13 8.41
N ILE B 76 5.80 38.09 9.40
CA ILE B 76 4.57 37.31 9.32
C ILE B 76 3.40 38.29 9.38
N ASN B 77 2.56 38.26 8.34
CA ASN B 77 1.36 39.07 8.29
C ASN B 77 0.26 38.34 9.05
N VAL B 78 -0.35 39.05 10.00
CA VAL B 78 -1.33 38.46 10.90
C VAL B 78 -2.62 39.30 10.93
N ILE B 79 -3.75 38.64 10.69
CA ILE B 79 -5.04 39.22 10.99
C ILE B 79 -5.32 38.77 12.43
N ASP B 80 -5.32 39.74 13.35
CA ASP B 80 -5.47 39.42 14.76
C ASP B 80 -6.90 39.05 15.11
N GLU B 81 -7.06 37.81 15.57
CA GLU B 81 -8.30 37.27 16.10
C GLU B 81 -7.95 36.95 17.55
N PRO B 82 -8.29 37.84 18.51
CA PRO B 82 -7.71 37.72 19.83
C PRO B 82 -8.36 36.71 20.77
N LEU B 83 -7.51 36.10 21.62
CA LEU B 83 -8.01 35.35 22.75
C LEU B 83 -8.72 36.30 23.71
N SER B 84 -9.67 35.78 24.48
N SER B 84 -9.62 35.73 24.52
CA SER B 84 -10.29 36.62 25.50
CA SER B 84 -10.35 36.43 25.58
C SER B 84 -9.26 36.96 26.60
C SER B 84 -9.40 36.84 26.72
N ASP B 85 -8.35 36.03 26.91
CA ASP B 85 -7.36 36.25 27.97
C ASP B 85 -6.00 35.68 27.54
N PRO B 86 -5.30 36.36 26.61
CA PRO B 86 -4.06 35.81 26.08
C PRO B 86 -2.95 35.58 27.11
N GLN B 87 -2.83 36.45 28.12
CA GLN B 87 -1.75 36.29 29.10
C GLN B 87 -2.07 35.16 30.10
N GLY B 88 -3.35 34.79 30.21
CA GLY B 88 -3.75 33.72 31.14
C GLY B 88 -3.73 32.34 30.52
N LEU B 89 -3.60 32.26 29.19
CA LEU B 89 -3.55 30.95 28.53
C LEU B 89 -2.38 30.14 29.07
N ARG B 90 -2.65 28.87 29.36
CA ARG B 90 -1.63 27.94 29.84
C ARG B 90 -1.27 27.00 28.71
N PRO B 91 0.03 26.70 28.49
CA PRO B 91 0.40 25.78 27.42
C PRO B 91 0.00 24.33 27.70
N GLY B 92 -0.47 23.64 26.65
CA GLY B 92 -0.69 22.20 26.73
C GLY B 92 -1.82 21.76 27.64
N GLU B 93 -2.84 22.61 27.79
CA GLU B 93 -4.00 22.27 28.60
C GLU B 93 -5.28 22.60 27.84
N VAL B 94 -6.31 21.81 28.08
CA VAL B 94 -7.64 21.99 27.53
C VAL B 94 -8.28 23.21 28.20
N GLN B 95 -8.55 24.24 27.39
CA GLN B 95 -9.10 25.51 27.87
C GLN B 95 -10.18 25.97 26.91
N ALA B 96 -11.33 26.38 27.46
CA ALA B 96 -12.45 26.85 26.65
C ALA B 96 -12.01 28.01 25.76
N GLN B 97 -11.23 28.96 26.30
CA GLN B 97 -10.89 30.14 25.47
C GLN B 97 -10.06 29.71 24.25
N ALA B 98 -9.27 28.64 24.40
CA ALA B 98 -8.44 28.14 23.31
C ALA B 98 -9.30 27.47 22.24
N GLY B 99 -10.27 26.66 22.66
CA GLY B 99 -11.17 26.03 21.71
C GLY B 99 -12.01 27.07 20.99
N ASP B 100 -12.38 28.13 21.71
CA ASP B 100 -13.16 29.18 21.09
C ASP B 100 -12.32 29.89 20.02
N LEU B 101 -11.05 30.15 20.32
CA LEU B 101 -10.21 30.80 19.35
C LEU B 101 -10.05 29.94 18.09
N ALA B 102 -9.83 28.64 18.29
CA ALA B 102 -9.65 27.75 17.13
C ALA B 102 -10.86 27.88 16.20
N PHE B 103 -12.05 27.83 16.81
CA PHE B 103 -13.29 27.98 16.07
C PHE B 103 -13.34 29.33 15.33
N ARG B 104 -13.06 30.42 16.06
CA ARG B 104 -13.19 31.75 15.45
C ARG B 104 -12.19 31.96 14.31
N CYS B 105 -11.00 31.39 14.42
CA CYS B 105 -10.03 31.56 13.32
C CYS B 105 -10.51 30.84 12.07
N ILE B 106 -11.06 29.63 12.25
N ILE B 106 -11.08 29.64 12.25
CA ILE B 106 -11.61 28.88 11.11
CA ILE B 106 -11.62 28.90 11.10
C ILE B 106 -12.80 29.65 10.51
C ILE B 106 -12.81 29.66 10.50
N ARG B 107 -13.68 30.18 11.36
CA ARG B 107 -14.83 30.92 10.89
C ARG B 107 -14.37 32.13 10.06
N ARG B 108 -13.40 32.87 10.59
CA ARG B 108 -12.96 34.10 9.93
C ARG B 108 -12.21 33.80 8.63
N ALA B 109 -11.33 32.80 8.66
CA ALA B 109 -10.60 32.43 7.45
C ALA B 109 -11.55 31.90 6.38
N THR B 110 -12.57 31.15 6.81
CA THR B 110 -13.53 30.60 5.86
C THR B 110 -14.28 31.76 5.18
N ALA B 111 -14.69 32.75 5.97
CA ALA B 111 -15.40 33.89 5.37
C ALA B 111 -14.51 34.58 4.34
N LEU B 112 -13.23 34.75 4.66
CA LEU B 112 -12.32 35.39 3.71
C LEU B 112 -12.17 34.57 2.44
N ALA B 113 -12.06 33.24 2.59
CA ALA B 113 -11.91 32.38 1.41
C ALA B 113 -13.18 32.42 0.55
N LEU B 114 -14.36 32.44 1.18
CA LEU B 114 -15.61 32.48 0.41
C LEU B 114 -15.74 33.81 -0.34
N GLU B 115 -15.22 34.90 0.23
N GLU B 115 -15.19 34.88 0.26
CA GLU B 115 -15.29 36.20 -0.44
CA GLU B 115 -15.15 36.26 -0.25
C GLU B 115 -14.26 36.29 -1.56
C GLU B 115 -14.10 36.43 -1.35
N GLY B 116 -13.25 35.41 -1.54
CA GLY B 116 -12.17 35.44 -2.53
C GLY B 116 -10.99 36.30 -2.08
N ALA B 117 -10.96 36.69 -0.80
CA ALA B 117 -9.85 37.53 -0.28
C ALA B 117 -8.58 36.69 -0.14
N VAL B 118 -8.73 35.39 0.07
CA VAL B 118 -7.63 34.43 0.00
C VAL B 118 -8.10 33.31 -0.92
N ALA B 119 -7.13 32.55 -1.45
CA ALA B 119 -7.42 31.51 -2.42
C ALA B 119 -7.67 30.15 -1.75
N ALA B 120 -7.08 29.93 -0.58
CA ALA B 120 -7.10 28.64 0.07
C ALA B 120 -6.74 28.82 1.55
N ILE B 121 -7.03 27.78 2.35
N ILE B 121 -6.87 27.74 2.31
CA ILE B 121 -6.69 27.75 3.78
CA ILE B 121 -6.54 27.80 3.70
C ILE B 121 -5.77 26.55 4.02
C ILE B 121 -5.85 26.51 4.15
N ALA B 122 -4.82 26.71 4.96
CA ALA B 122 -4.05 25.65 5.55
C ALA B 122 -4.28 25.74 7.06
N THR B 123 -4.70 24.63 7.70
CA THR B 123 -5.10 24.69 9.10
C THR B 123 -4.07 24.06 10.03
N ALA B 124 -3.78 24.74 11.13
CA ALA B 124 -2.99 24.17 12.21
C ALA B 124 -3.93 23.34 13.09
N PRO B 125 -3.42 22.40 13.91
CA PRO B 125 -4.29 21.49 14.65
C PRO B 125 -5.14 22.15 15.75
N LEU B 126 -6.36 21.62 15.92
CA LEU B 126 -7.22 22.01 17.03
C LEU B 126 -7.38 20.82 17.98
N ASN B 127 -7.84 21.14 19.19
CA ASN B 127 -8.09 20.14 20.22
C ASN B 127 -9.62 20.00 20.32
N LYS B 128 -10.15 18.82 19.99
N LYS B 128 -10.11 18.80 20.01
CA LYS B 128 -11.61 18.68 19.94
CA LYS B 128 -11.52 18.50 19.94
C LYS B 128 -12.23 18.80 21.33
C LYS B 128 -12.20 18.76 21.30
N GLU B 129 -11.55 18.33 22.39
CA GLU B 129 -12.11 18.49 23.73
C GLU B 129 -12.32 19.98 24.05
N ALA B 130 -11.32 20.80 23.73
CA ALA B 130 -11.40 22.24 24.02
C ALA B 130 -12.45 22.90 23.12
N LEU B 131 -12.52 22.45 21.86
CA LEU B 131 -13.50 22.98 20.92
C LEU B 131 -14.92 22.76 21.47
N HIS B 132 -15.17 21.54 21.97
CA HIS B 132 -16.46 21.19 22.54
C HIS B 132 -16.75 21.97 23.82
N LEU B 133 -15.73 22.11 24.67
CA LEU B 133 -15.87 22.85 25.94
C LEU B 133 -16.27 24.30 25.67
N ALA B 134 -15.82 24.84 24.52
CA ALA B 134 -16.12 26.21 24.11
C ALA B 134 -17.52 26.34 23.46
N GLY B 135 -18.25 25.23 23.33
CA GLY B 135 -19.60 25.27 22.76
C GLY B 135 -19.64 25.09 21.25
N HIS B 136 -18.60 24.50 20.66
CA HIS B 136 -18.59 24.27 19.22
C HIS B 136 -18.65 22.76 18.99
N ALA B 137 -19.87 22.24 18.81
N ALA B 137 -19.88 22.30 18.69
CA ALA B 137 -20.11 20.78 18.85
CA ALA B 137 -20.20 20.89 18.58
C ALA B 137 -19.85 20.10 17.49
C ALA B 137 -19.88 20.38 17.17
N TYR B 138 -18.60 20.22 17.03
N TYR B 138 -18.60 20.06 16.95
CA TYR B 138 -18.14 19.61 15.78
CA TYR B 138 -18.12 19.51 15.70
C TYR B 138 -17.14 18.51 16.11
C TYR B 138 -17.00 18.52 15.98
N PRO B 139 -17.12 17.38 15.36
N PRO B 139 -17.07 17.31 15.38
CA PRO B 139 -16.11 16.36 15.60
CA PRO B 139 -16.05 16.30 15.61
C PRO B 139 -14.69 16.89 15.32
C PRO B 139 -14.64 16.74 15.18
N GLY B 140 -14.57 17.72 14.28
CA GLY B 140 -13.30 18.26 13.85
C GLY B 140 -13.46 19.31 12.79
N HIS B 141 -12.34 19.67 12.16
CA HIS B 141 -12.34 20.67 11.12
C HIS B 141 -13.32 20.34 9.98
N THR B 142 -13.37 19.07 9.58
CA THR B 142 -14.12 18.72 8.37
C THR B 142 -15.59 19.13 8.51
N GLU B 143 -16.23 18.69 9.60
CA GLU B 143 -17.65 19.01 9.78
C GLU B 143 -17.85 20.50 9.98
N LEU B 144 -16.91 21.17 10.63
CA LEU B 144 -17.02 22.61 10.85
C LEU B 144 -16.96 23.35 9.50
N LEU B 145 -15.95 23.00 8.68
CA LEU B 145 -15.81 23.65 7.37
C LEU B 145 -17.05 23.36 6.50
N ALA B 146 -17.54 22.11 6.56
CA ALA B 146 -18.72 21.75 5.77
C ALA B 146 -19.91 22.64 6.18
N HIS B 147 -20.10 22.81 7.50
CA HIS B 147 -21.19 23.64 7.99
C HIS B 147 -21.05 25.10 7.54
N LEU B 148 -19.83 25.64 7.68
CA LEU B 148 -19.62 27.07 7.39
C LEU B 148 -19.74 27.38 5.89
N THR B 149 -19.59 26.36 5.04
CA THR B 149 -19.61 26.56 3.59
C THR B 149 -20.85 25.92 2.94
N GLN B 150 -21.74 25.35 3.77
CA GLN B 150 -22.95 24.67 3.29
C GLN B 150 -22.57 23.61 2.25
N THR B 151 -21.52 22.85 2.57
CA THR B 151 -21.08 21.76 1.73
C THR B 151 -21.56 20.43 2.31
N THR B 152 -22.33 19.68 1.52
N THR B 152 -22.20 19.60 1.48
CA THR B 152 -22.83 18.38 1.95
CA THR B 152 -22.64 18.27 1.93
C THR B 152 -21.79 17.29 1.62
C THR B 152 -21.76 17.16 1.33
N ASP B 153 -21.24 17.38 0.40
N ASP B 153 -21.12 17.44 0.19
CA ASP B 153 -20.39 16.35 -0.14
CA ASP B 153 -20.32 16.43 -0.52
C ASP B 153 -18.93 16.78 -0.16
C ASP B 153 -18.83 16.72 -0.37
N TYR B 154 -18.11 15.96 0.48
CA TYR B 154 -16.68 16.19 0.63
C TYR B 154 -15.96 14.86 0.83
N ALA B 155 -14.63 14.90 0.66
CA ALA B 155 -13.83 13.69 0.82
C ALA B 155 -12.36 14.08 0.97
N MET B 156 -11.60 13.21 1.65
N MET B 156 -11.60 13.20 1.62
CA MET B 156 -10.17 13.43 1.87
CA MET B 156 -10.20 13.46 1.89
C MET B 156 -9.38 13.02 0.63
C MET B 156 -9.34 13.00 0.70
N VAL B 157 -8.51 13.93 0.20
CA VAL B 157 -7.60 13.71 -0.90
C VAL B 157 -6.16 13.71 -0.37
N LEU B 158 -5.35 12.78 -0.90
CA LEU B 158 -3.89 12.85 -0.77
C LEU B 158 -3.35 13.23 -2.14
N TYR B 159 -2.50 14.26 -2.18
CA TYR B 159 -2.11 14.85 -3.44
C TYR B 159 -0.59 14.92 -3.59
N THR B 160 -0.09 14.26 -4.63
CA THR B 160 1.32 14.36 -5.05
C THR B 160 1.29 14.50 -6.58
N GLU B 161 2.43 14.87 -7.16
N GLU B 161 2.41 14.85 -7.19
CA GLU B 161 2.54 15.09 -8.60
CA GLU B 161 2.42 15.12 -8.63
C GLU B 161 2.10 13.85 -9.37
C GLU B 161 2.17 13.84 -9.45
N LYS B 162 2.61 12.68 -8.96
CA LYS B 162 2.43 11.42 -9.74
C LYS B 162 1.33 10.50 -9.22
N LEU B 163 0.86 10.70 -7.98
CA LEU B 163 -0.19 9.84 -7.46
C LEU B 163 -1.13 10.68 -6.60
N LYS B 164 -2.41 10.63 -6.94
CA LYS B 164 -3.45 11.34 -6.22
C LYS B 164 -4.54 10.34 -5.87
N VAL B 165 -5.08 10.47 -4.67
N VAL B 165 -5.04 10.40 -4.63
CA VAL B 165 -6.08 9.56 -4.20
CA VAL B 165 -6.11 9.47 -4.19
C VAL B 165 -7.19 10.35 -3.51
C VAL B 165 -7.15 10.21 -3.37
N ILE B 166 -8.41 9.86 -3.59
CA ILE B 166 -9.54 10.39 -2.85
C ILE B 166 -10.20 9.20 -2.16
N HIS B 167 -10.73 9.41 -0.95
CA HIS B 167 -11.19 8.30 -0.13
C HIS B 167 -12.71 8.28 0.06
N ILE B 168 -13.30 7.08 -0.07
CA ILE B 168 -14.71 6.89 0.22
C ILE B 168 -14.95 7.14 1.71
N THR B 169 -14.11 6.56 2.57
N THR B 169 -14.08 6.48 2.51
CA THR B 169 -14.16 6.91 3.99
CA THR B 169 -14.09 6.42 3.98
C THR B 169 -12.72 6.92 4.49
C THR B 169 -12.69 6.70 4.54
N THR B 170 -12.59 7.28 5.76
CA THR B 170 -11.29 7.43 6.38
C THR B 170 -11.25 6.71 7.73
N HIS B 171 -11.45 7.45 8.82
CA HIS B 171 -11.17 6.93 10.17
C HIS B 171 -12.35 6.13 10.77
N ILE B 172 -12.55 4.93 10.23
CA ILE B 172 -13.51 3.97 10.71
C ILE B 172 -12.86 2.60 10.60
N SER B 173 -13.39 1.64 11.36
CA SER B 173 -12.89 0.27 11.28
C SER B 173 -13.09 -0.28 9.87
N LEU B 174 -12.22 -1.23 9.51
CA LEU B 174 -12.34 -1.89 8.23
C LEU B 174 -13.72 -2.57 8.10
N ARG B 175 -14.21 -3.17 9.20
CA ARG B 175 -15.52 -3.80 9.14
C ARG B 175 -16.62 -2.75 8.90
N GLN B 176 -16.54 -1.61 9.57
CA GLN B 176 -17.54 -0.55 9.36
C GLN B 176 -17.53 -0.06 7.92
N PHE B 177 -16.33 0.03 7.32
N PHE B 177 -16.33 0.03 7.31
CA PHE B 177 -16.24 0.40 5.94
CA PHE B 177 -16.25 0.41 5.90
C PHE B 177 -17.08 -0.58 5.10
C PHE B 177 -17.07 -0.59 5.06
N LEU B 178 -16.91 -1.89 5.33
CA LEU B 178 -17.64 -2.87 4.54
C LEU B 178 -19.15 -2.79 4.78
N ASP B 179 -19.56 -2.55 6.03
CA ASP B 179 -20.98 -2.54 6.39
C ASP B 179 -21.69 -1.22 6.04
N THR B 180 -20.93 -0.19 5.66
CA THR B 180 -21.53 1.09 5.28
C THR B 180 -21.33 1.38 3.77
N LEU B 181 -20.53 0.57 3.06
CA LEU B 181 -20.24 0.85 1.66
C LEU B 181 -21.55 0.95 0.89
N ASN B 182 -21.65 1.98 0.05
CA ASN B 182 -22.90 2.25 -0.64
C ASN B 182 -22.64 2.97 -1.95
N GLN B 183 -23.51 2.68 -2.93
CA GLN B 183 -23.38 3.24 -4.26
C GLN B 183 -23.51 4.76 -4.26
N PRO B 184 -24.47 5.40 -3.56
CA PRO B 184 -24.56 6.86 -3.62
C PRO B 184 -23.25 7.56 -3.18
N ARG B 185 -22.62 7.04 -2.12
CA ARG B 185 -21.40 7.68 -1.64
C ARG B 185 -20.29 7.55 -2.69
N ILE B 186 -20.19 6.37 -3.34
CA ILE B 186 -19.15 6.22 -4.35
C ILE B 186 -19.40 7.16 -5.53
N GLU B 187 -20.66 7.25 -5.98
CA GLU B 187 -20.96 8.21 -7.06
C GLU B 187 -20.58 9.63 -6.63
N THR B 188 -20.95 9.99 -5.40
CA THR B 188 -20.65 11.32 -4.89
C THR B 188 -19.15 11.59 -4.94
N VAL B 189 -18.36 10.64 -4.44
CA VAL B 189 -16.92 10.86 -4.37
C VAL B 189 -16.30 10.93 -5.77
N ILE B 190 -16.79 10.11 -6.70
CA ILE B 190 -16.31 10.25 -8.10
C ILE B 190 -16.57 11.68 -8.60
N GLY B 191 -17.76 12.21 -8.29
CA GLY B 191 -18.10 13.57 -8.70
C GLY B 191 -17.21 14.61 -8.03
N VAL B 192 -16.96 14.44 -6.72
CA VAL B 192 -16.06 15.34 -6.01
C VAL B 192 -14.67 15.32 -6.66
N ALA B 193 -14.21 14.11 -7.00
CA ALA B 193 -12.90 13.97 -7.64
C ALA B 193 -12.85 14.72 -8.98
N ASP B 194 -13.87 14.52 -9.80
CA ASP B 194 -13.92 15.13 -11.10
C ASP B 194 -13.87 16.66 -10.97
N ARG B 195 -14.69 17.21 -10.07
CA ARG B 195 -14.75 18.67 -9.90
C ARG B 195 -13.43 19.18 -9.32
N PHE B 196 -12.87 18.45 -8.36
CA PHE B 196 -11.62 18.83 -7.75
C PHE B 196 -10.52 18.91 -8.82
N LEU B 197 -10.43 17.87 -9.64
CA LEU B 197 -9.39 17.85 -10.65
C LEU B 197 -9.61 18.94 -11.71
N ARG B 198 -10.88 19.16 -12.09
N ARG B 198 -10.88 19.18 -12.07
CA ARG B 198 -11.19 20.25 -13.03
CA ARG B 198 -11.21 20.23 -13.04
C ARG B 198 -10.70 21.59 -12.44
C ARG B 198 -10.83 21.61 -12.47
N ARG B 199 -11.00 21.80 -11.15
CA ARG B 199 -10.67 23.08 -10.50
C ARG B 199 -9.15 23.24 -10.32
N VAL B 200 -8.38 22.14 -10.28
N VAL B 200 -8.41 22.12 -10.26
CA VAL B 200 -6.93 22.32 -10.23
CA VAL B 200 -6.97 22.15 -10.17
C VAL B 200 -6.39 22.42 -11.65
C VAL B 200 -6.39 22.59 -11.52
N GLY B 201 -7.28 22.31 -12.65
N GLY B 201 -6.88 21.99 -12.63
CA GLY B 201 -6.88 22.61 -14.03
CA GLY B 201 -6.40 22.33 -13.95
C GLY B 201 -6.91 21.45 -15.02
C GLY B 201 -6.36 21.15 -14.90
N TYR B 202 -7.18 20.21 -14.58
N TYR B 202 -7.24 20.18 -14.69
CA TYR B 202 -7.26 19.07 -15.53
CA TYR B 202 -7.36 19.07 -15.63
C TYR B 202 -8.55 19.19 -16.33
C TYR B 202 -8.63 19.30 -16.45
N PRO B 203 -8.50 19.51 -17.65
N PRO B 203 -8.54 19.51 -17.78
CA PRO B 203 -9.74 19.67 -18.41
CA PRO B 203 -9.76 19.69 -18.58
C PRO B 203 -10.60 18.40 -18.47
C PRO B 203 -10.61 18.41 -18.66
N ARG B 204 -9.96 17.23 -18.57
CA ARG B 204 -10.65 15.96 -18.73
C ARG B 204 -10.04 14.94 -17.77
N PRO B 205 -10.35 15.04 -16.47
CA PRO B 205 -9.75 14.15 -15.48
C PRO B 205 -9.99 12.66 -15.77
N ARG B 206 -8.93 11.86 -15.62
CA ARG B 206 -9.02 10.42 -15.79
C ARG B 206 -9.01 9.80 -14.40
N ILE B 207 -10.11 9.17 -14.02
CA ILE B 207 -10.30 8.64 -12.68
C ILE B 207 -10.45 7.12 -12.75
N ALA B 208 -9.77 6.44 -11.82
CA ALA B 208 -9.92 5.01 -11.64
C ALA B 208 -10.54 4.77 -10.27
N VAL B 209 -11.39 3.74 -10.18
CA VAL B 209 -12.03 3.40 -8.94
C VAL B 209 -11.53 2.02 -8.50
N ALA B 210 -10.93 1.96 -7.31
CA ALA B 210 -10.44 0.70 -6.78
C ALA B 210 -11.60 -0.22 -6.39
N GLY B 211 -11.35 -1.52 -6.52
CA GLY B 211 -12.25 -2.50 -5.95
C GLY B 211 -12.03 -2.61 -4.44
N VAL B 212 -12.72 -3.59 -3.85
CA VAL B 212 -12.70 -3.87 -2.43
C VAL B 212 -11.84 -5.09 -2.12
N ASN B 213 -12.08 -6.16 -2.86
CA ASN B 213 -11.52 -7.46 -2.62
C ASN B 213 -10.28 -7.72 -3.47
N PRO B 214 -9.48 -8.73 -3.12
CA PRO B 214 -8.31 -9.04 -3.92
C PRO B 214 -8.74 -9.27 -5.38
N HIS B 215 -7.93 -8.75 -6.31
CA HIS B 215 -8.21 -8.93 -7.73
C HIS B 215 -9.56 -8.31 -8.10
N ALA B 216 -10.02 -7.33 -7.31
CA ALA B 216 -11.36 -6.71 -7.49
C ALA B 216 -12.45 -7.80 -7.51
N GLY B 217 -12.22 -8.86 -6.73
CA GLY B 217 -13.24 -9.90 -6.52
C GLY B 217 -13.11 -11.12 -7.41
N GLU B 218 -12.31 -11.04 -8.48
CA GLU B 218 -12.09 -12.16 -9.42
C GLU B 218 -13.44 -12.74 -9.85
N ASN B 219 -14.29 -11.87 -10.42
CA ASN B 219 -15.58 -12.23 -10.98
C ASN B 219 -16.50 -12.85 -9.91
N GLY B 220 -16.43 -12.30 -8.69
CA GLY B 220 -17.31 -12.74 -7.59
C GLY B 220 -16.76 -13.90 -6.77
N LEU B 221 -15.57 -14.41 -7.14
CA LEU B 221 -14.95 -15.49 -6.37
C LEU B 221 -14.64 -15.01 -4.95
N PHE B 222 -14.29 -13.72 -4.82
CA PHE B 222 -14.04 -13.10 -3.51
C PHE B 222 -15.04 -11.94 -3.30
N GLY B 223 -16.09 -12.17 -2.52
CA GLY B 223 -17.03 -11.08 -2.18
C GLY B 223 -17.99 -10.70 -3.29
N ASP B 224 -18.85 -9.73 -3.00
CA ASP B 224 -19.88 -9.27 -3.95
C ASP B 224 -19.92 -7.74 -4.07
N GLU B 225 -19.02 -7.03 -3.37
CA GLU B 225 -19.11 -5.58 -3.34
C GLU B 225 -18.92 -4.97 -4.73
N GLU B 226 -18.01 -5.52 -5.53
CA GLU B 226 -17.76 -4.95 -6.84
C GLU B 226 -19.02 -5.02 -7.73
N ILE B 227 -19.69 -6.17 -7.75
CA ILE B 227 -20.83 -6.30 -8.68
C ILE B 227 -22.05 -5.53 -8.16
N ARG B 228 -22.25 -5.50 -6.86
N ARG B 228 -22.28 -5.57 -6.85
CA ARG B 228 -23.50 -4.97 -6.36
CA ARG B 228 -23.49 -5.01 -6.22
C ARG B 228 -23.41 -3.49 -6.01
C ARG B 228 -23.40 -3.50 -6.00
N ILE B 229 -22.19 -2.99 -5.74
CA ILE B 229 -22.07 -1.61 -5.26
C ILE B 229 -21.11 -0.76 -6.11
N VAL B 230 -19.87 -1.24 -6.30
CA VAL B 230 -18.87 -0.38 -6.92
C VAL B 230 -19.10 -0.22 -8.43
N ALA B 231 -19.28 -1.34 -9.14
CA ALA B 231 -19.42 -1.25 -10.60
C ALA B 231 -20.63 -0.39 -10.98
N PRO B 232 -21.81 -0.52 -10.33
CA PRO B 232 -22.94 0.34 -10.69
C PRO B 232 -22.64 1.83 -10.48
N ALA B 233 -21.86 2.17 -9.46
CA ALA B 233 -21.48 3.58 -9.23
C ALA B 233 -20.61 4.09 -10.39
N VAL B 234 -19.65 3.26 -10.82
CA VAL B 234 -18.80 3.65 -11.94
C VAL B 234 -19.67 3.88 -13.20
N ALA B 235 -20.56 2.93 -13.46
CA ALA B 235 -21.39 3.03 -14.67
C ALA B 235 -22.23 4.30 -14.65
N ALA B 236 -22.79 4.62 -13.49
CA ALA B 236 -23.67 5.80 -13.39
C ALA B 236 -22.86 7.07 -13.69
N MET B 237 -21.62 7.14 -13.21
CA MET B 237 -20.82 8.33 -13.38
C MET B 237 -20.26 8.43 -14.81
N ARG B 238 -19.94 7.27 -15.41
N ARG B 238 -19.92 7.28 -15.42
CA ARG B 238 -19.54 7.24 -16.82
CA ARG B 238 -19.54 7.33 -16.84
C ARG B 238 -20.69 7.79 -17.68
C ARG B 238 -20.71 7.87 -17.66
N ALA B 239 -21.93 7.41 -17.34
CA ALA B 239 -23.10 7.87 -18.08
C ALA B 239 -23.26 9.39 -17.97
N LYS B 240 -22.80 9.95 -16.84
N LYS B 240 -22.83 9.96 -16.83
CA LYS B 240 -22.87 11.40 -16.59
CA LYS B 240 -22.91 11.41 -16.62
C LYS B 240 -21.64 12.12 -17.14
C LYS B 240 -21.80 12.16 -17.36
N GLY B 241 -20.85 11.44 -17.98
CA GLY B 241 -19.77 12.09 -18.73
C GLY B 241 -18.42 12.13 -18.03
N VAL B 242 -18.29 11.46 -16.88
CA VAL B 242 -17.00 11.43 -16.21
C VAL B 242 -16.13 10.35 -16.87
N GLU B 243 -14.85 10.67 -17.07
CA GLU B 243 -13.89 9.70 -17.61
C GLU B 243 -13.42 8.83 -16.43
N VAL B 244 -14.26 7.84 -16.09
CA VAL B 244 -14.01 7.00 -14.96
C VAL B 244 -14.09 5.52 -15.37
N THR B 245 -13.21 4.73 -14.76
N THR B 245 -13.23 4.70 -14.78
CA THR B 245 -13.10 3.30 -15.01
CA THR B 245 -13.30 3.29 -15.07
C THR B 245 -13.05 2.53 -13.69
C THR B 245 -12.98 2.51 -13.79
N GLY B 246 -13.50 1.29 -13.74
CA GLY B 246 -13.37 0.42 -12.60
C GLY B 246 -14.56 -0.50 -12.50
N PRO B 247 -14.58 -1.32 -11.45
CA PRO B 247 -13.59 -1.42 -10.39
C PRO B 247 -12.27 -1.99 -10.92
N CYS B 248 -11.17 -1.56 -10.30
CA CYS B 248 -9.82 -1.96 -10.65
C CYS B 248 -9.19 -2.75 -9.52
N PRO B 249 -8.43 -3.83 -9.79
CA PRO B 249 -7.73 -4.55 -8.73
C PRO B 249 -6.94 -3.58 -7.85
N PRO B 250 -7.15 -3.60 -6.53
CA PRO B 250 -6.45 -2.65 -5.68
C PRO B 250 -4.92 -2.70 -5.80
N ASP B 251 -4.37 -3.89 -6.02
CA ASP B 251 -2.91 -3.97 -6.00
C ASP B 251 -2.26 -3.51 -7.31
N THR B 252 -3.05 -3.19 -8.33
CA THR B 252 -2.45 -2.61 -9.52
C THR B 252 -2.92 -1.17 -9.81
N VAL B 253 -4.06 -0.75 -9.27
CA VAL B 253 -4.63 0.53 -9.70
C VAL B 253 -3.76 1.72 -9.26
N PHE B 254 -3.20 1.67 -8.05
CA PHE B 254 -2.37 2.80 -7.59
C PHE B 254 -1.09 2.86 -8.41
N MET B 255 -0.56 1.68 -8.73
N MET B 255 -0.56 1.69 -8.75
CA MET B 255 0.61 1.55 -9.58
CA MET B 255 0.64 1.59 -9.58
C MET B 255 0.33 2.21 -10.94
C MET B 255 0.35 2.19 -10.96
N GLN B 256 -0.83 1.88 -11.53
CA GLN B 256 -1.25 2.41 -12.85
C GLN B 256 -1.34 3.95 -12.79
N CYS B 257 -1.94 4.47 -11.71
CA CYS B 257 -2.06 5.92 -11.56
C CYS B 257 -0.67 6.55 -11.48
N HIS B 258 0.21 5.94 -10.68
CA HIS B 258 1.56 6.41 -10.49
C HIS B 258 2.34 6.44 -11.81
N GLU B 259 2.02 5.49 -12.71
N GLU B 259 2.06 5.49 -12.72
CA GLU B 259 2.66 5.35 -14.02
CA GLU B 259 2.80 5.48 -13.98
C GLU B 259 2.02 6.28 -15.07
C GLU B 259 2.18 6.48 -14.97
N GLY B 260 1.01 7.04 -14.65
CA GLY B 260 0.36 8.06 -15.50
C GLY B 260 -0.86 7.61 -16.29
N MET B 261 -1.39 6.42 -15.99
N MET B 261 -1.40 6.44 -15.95
CA MET B 261 -2.58 5.91 -16.72
CA MET B 261 -2.55 5.89 -16.66
C MET B 261 -3.83 6.68 -16.26
C MET B 261 -3.85 6.58 -16.20
N TYR B 262 -3.80 7.17 -15.01
CA TYR B 262 -4.93 7.89 -14.43
C TYR B 262 -4.38 9.10 -13.70
N ASP B 263 -5.28 10.08 -13.46
CA ASP B 263 -4.91 11.27 -12.70
C ASP B 263 -5.19 11.06 -11.20
N MET B 264 -6.19 10.25 -10.87
CA MET B 264 -6.54 10.03 -9.47
C MET B 264 -7.25 8.68 -9.33
N VAL B 265 -7.06 8.06 -8.16
CA VAL B 265 -7.73 6.85 -7.81
C VAL B 265 -8.71 7.14 -6.68
N VAL B 266 -9.92 6.56 -6.79
CA VAL B 266 -10.89 6.55 -5.72
C VAL B 266 -10.60 5.29 -4.90
N ALA B 267 -10.04 5.49 -3.69
CA ALA B 267 -9.73 4.43 -2.74
C ALA B 267 -10.97 4.15 -1.90
N MET B 268 -11.20 2.87 -1.62
CA MET B 268 -12.39 2.47 -0.87
C MET B 268 -12.26 2.73 0.64
N TYR B 269 -11.04 2.70 1.17
CA TYR B 269 -10.85 2.82 2.62
C TYR B 269 -9.50 3.48 2.89
N HIS B 270 -9.36 3.99 4.11
CA HIS B 270 -8.20 4.77 4.56
C HIS B 270 -6.89 4.16 4.10
N ASP B 271 -6.62 2.92 4.57
CA ASP B 271 -5.29 2.37 4.33
C ASP B 271 -5.06 2.00 2.86
N GLN B 272 -6.12 1.72 2.11
CA GLN B 272 -5.96 1.37 0.71
C GLN B 272 -5.25 2.53 -0.02
N GLY B 273 -5.63 3.75 0.33
CA GLY B 273 -5.03 4.94 -0.28
C GLY B 273 -3.79 5.45 0.45
N HIS B 274 -3.77 5.31 1.78
CA HIS B 274 -2.67 5.88 2.55
C HIS B 274 -1.38 5.03 2.46
N ILE B 275 -1.52 3.71 2.37
CA ILE B 275 -0.32 2.85 2.28
C ILE B 275 0.51 3.25 1.06
N PRO B 276 -0.04 3.33 -0.17
CA PRO B 276 0.79 3.68 -1.32
C PRO B 276 1.38 5.09 -1.23
N LEU B 277 0.62 6.05 -0.74
CA LEU B 277 1.14 7.43 -0.68
C LEU B 277 2.34 7.55 0.27
N LYS B 278 2.24 6.93 1.44
CA LYS B 278 3.30 7.08 2.43
C LYS B 278 4.53 6.25 2.05
N LEU B 279 4.36 5.19 1.25
CA LEU B 279 5.50 4.39 0.84
C LEU B 279 6.39 5.20 -0.12
N LEU B 280 5.76 6.08 -0.89
CA LEU B 280 6.47 6.91 -1.85
C LEU B 280 7.19 8.07 -1.13
N GLY B 281 7.14 8.08 0.21
CA GLY B 281 7.88 9.03 1.03
C GLY B 281 7.08 10.24 1.48
N PHE B 282 5.76 10.22 1.29
CA PHE B 282 4.92 11.35 1.68
C PHE B 282 4.34 11.07 3.08
N TYR B 283 5.18 11.26 4.10
CA TYR B 283 4.81 11.01 5.49
C TYR B 283 4.31 12.30 6.14
N GLY B 285 1.23 16.14 5.52
CA GLY B 285 1.05 17.52 5.04
C GLY B 285 0.28 17.59 3.73
N VAL B 286 0.06 16.44 3.08
CA VAL B 286 -0.55 16.47 1.74
C VAL B 286 -2.05 16.15 1.79
N ASN B 287 -2.74 16.37 2.94
CA ASN B 287 -4.15 16.02 2.80
C ASN B 287 -4.98 17.28 2.59
N ILE B 288 -5.91 17.11 1.66
CA ILE B 288 -6.83 18.12 1.23
C ILE B 288 -8.24 17.67 1.53
N THR B 289 -9.04 18.60 2.03
CA THR B 289 -10.48 18.34 2.16
C THR B 289 -11.14 18.81 0.87
N ALA B 290 -11.42 17.87 -0.04
CA ALA B 290 -11.98 18.21 -1.34
C ALA B 290 -13.50 18.34 -1.25
N GLY B 291 -14.04 19.22 -2.10
CA GLY B 291 -15.49 19.41 -2.18
C GLY B 291 -15.95 20.76 -1.63
N LEU B 292 -15.11 21.40 -0.83
CA LEU B 292 -15.45 22.73 -0.33
C LEU B 292 -15.31 23.72 -1.48
N PRO B 293 -15.84 24.96 -1.36
CA PRO B 293 -15.72 25.93 -2.45
C PRO B 293 -14.29 26.45 -2.67
N PHE B 294 -13.39 26.15 -1.75
CA PHE B 294 -11.98 26.52 -1.82
C PHE B 294 -11.16 25.33 -1.31
N ILE B 295 -9.87 25.32 -1.65
CA ILE B 295 -8.94 24.31 -1.17
C ILE B 295 -8.62 24.54 0.30
N ARG B 296 -8.65 23.45 1.08
CA ARG B 296 -8.19 23.43 2.44
C ARG B 296 -7.22 22.27 2.60
N THR B 297 -6.03 22.59 3.12
CA THR B 297 -5.03 21.62 3.44
C THR B 297 -4.83 21.54 4.96
N SER B 298 -4.15 20.49 5.39
N SER B 298 -4.20 20.45 5.41
CA SER B 298 -3.79 20.26 6.79
CA SER B 298 -3.90 20.18 6.82
C SER B 298 -2.72 19.16 6.86
C SER B 298 -2.92 18.99 6.94
N ALA B 299 -2.19 18.94 8.06
CA ALA B 299 -1.24 17.86 8.39
C ALA B 299 -2.01 16.86 9.27
N ASP B 300 -1.52 15.61 9.37
N ASP B 300 -1.47 15.63 9.35
CA ASP B 300 -2.25 14.56 10.12
CA ASP B 300 -2.08 14.51 10.05
C ASP B 300 -1.93 14.56 11.63
C ASP B 300 -1.67 14.44 11.52
N HIS B 301 -1.13 15.51 12.10
CA HIS B 301 -0.75 15.51 13.53
C HIS B 301 -1.74 16.32 14.37
N GLY B 302 -1.71 16.05 15.68
CA GLY B 302 -2.58 16.66 16.67
C GLY B 302 -1.94 17.88 17.32
N THR B 303 -2.54 18.36 18.41
CA THR B 303 -2.10 19.56 19.12
C THR B 303 -0.82 19.33 19.94
N ALA B 304 -0.47 18.07 20.21
CA ALA B 304 0.76 17.70 20.93
C ALA B 304 0.94 18.52 22.21
N PHE B 305 -0.11 18.56 23.04
CA PHE B 305 -0.09 19.29 24.30
C PHE B 305 1.11 18.88 25.17
N ASP B 306 1.56 17.63 25.06
CA ASP B 306 2.66 17.13 25.93
C ASP B 306 3.97 17.89 25.67
N ILE B 307 4.15 18.43 24.46
CA ILE B 307 5.38 19.14 24.10
C ILE B 307 5.09 20.59 23.69
N ALA B 308 3.82 21.04 23.76
CA ALA B 308 3.48 22.39 23.31
C ALA B 308 4.29 23.46 24.07
N TRP B 309 4.76 24.45 23.29
CA TRP B 309 5.46 25.64 23.79
C TRP B 309 6.86 25.31 24.31
N THR B 310 7.45 24.19 23.82
CA THR B 310 8.83 23.81 24.22
C THR B 310 9.80 23.87 23.03
N GLY B 311 9.27 24.05 21.82
CA GLY B 311 10.07 24.15 20.59
C GLY B 311 10.54 22.80 20.06
N LYS B 312 9.98 21.70 20.59
CA LYS B 312 10.39 20.35 20.15
C LYS B 312 9.55 19.85 18.96
N ALA B 313 8.32 20.32 18.82
CA ALA B 313 7.47 19.86 17.72
C ALA B 313 8.06 20.25 16.37
N LYS B 314 7.99 19.32 15.42
CA LYS B 314 8.47 19.52 14.06
C LYS B 314 7.45 20.35 13.28
N SER B 315 7.95 21.31 12.48
CA SER B 315 7.10 22.21 11.69
C SER B 315 7.00 21.78 10.22
N GLU B 316 7.69 20.70 9.84
CA GLU B 316 7.75 20.33 8.43
C GLU B 316 6.35 20.06 7.84
N SER B 317 5.47 19.40 8.61
CA SER B 317 4.17 19.06 8.00
C SER B 317 3.32 20.33 7.81
N MET B 318 3.43 21.29 8.74
CA MET B 318 2.74 22.56 8.59
C MET B 318 3.24 23.25 7.31
N ALA B 319 4.57 23.30 7.14
CA ALA B 319 5.16 23.95 5.98
C ALA B 319 4.71 23.25 4.69
N THR B 320 4.70 21.92 4.71
CA THR B 320 4.29 21.15 3.53
C THR B 320 2.84 21.48 3.16
N SER B 321 1.97 21.62 4.18
N SER B 321 1.99 21.59 4.19
CA SER B 321 0.54 21.90 3.93
CA SER B 321 0.59 21.90 3.98
C SER B 321 0.37 23.31 3.34
C SER B 321 0.44 23.26 3.30
N ILE B 322 1.20 24.25 3.79
CA ILE B 322 1.14 25.61 3.27
C ILE B 322 1.64 25.62 1.83
N GLU B 323 2.77 24.94 1.59
N GLU B 323 2.75 24.92 1.57
CA GLU B 323 3.36 24.82 0.27
CA GLU B 323 3.30 24.89 0.24
C GLU B 323 2.35 24.22 -0.72
C GLU B 323 2.30 24.24 -0.73
N LEU B 324 1.63 23.18 -0.27
CA LEU B 324 0.65 22.49 -1.13
C LEU B 324 -0.49 23.44 -1.50
N ALA B 325 -1.01 24.15 -0.51
CA ALA B 325 -2.10 25.09 -0.76
C ALA B 325 -1.65 26.14 -1.78
N MET B 326 -0.43 26.66 -1.59
N MET B 326 -0.43 26.66 -1.60
CA MET B 326 0.14 27.67 -2.47
CA MET B 326 0.09 27.68 -2.51
C MET B 326 0.29 27.13 -3.90
C MET B 326 0.24 27.10 -3.92
N HIS B 327 0.84 25.91 -4.01
CA HIS B 327 1.10 25.28 -5.31
C HIS B 327 -0.17 25.20 -6.15
N ILE B 328 -1.25 24.73 -5.53
CA ILE B 328 -2.52 24.56 -6.21
C ILE B 328 -3.13 25.94 -6.52
N ALA B 329 -2.97 26.90 -5.60
CA ALA B 329 -3.55 28.24 -5.78
C ALA B 329 -2.81 29.01 -6.88
N GLN B 330 -1.48 28.84 -6.94
CA GLN B 330 -0.63 29.53 -7.91
C GLN B 330 -0.20 28.54 -9.00
NI NI C . -3.37 -12.47 -5.65
C FMT D . 3.25 2.16 3.88
O1 FMT D . 3.04 3.36 3.61
O2 FMT D . 3.22 1.60 5.13
P1 POP E . 6.94 -21.11 18.15
O1 POP E . 5.86 -20.23 18.71
O2 POP E . 8.30 -20.49 18.23
O3 POP E . 6.55 -21.65 16.78
O POP E . 6.95 -22.37 19.19
P2 POP E . 8.24 -23.14 19.85
O4 POP E . 8.34 -22.71 21.30
O5 POP E . 7.85 -24.60 19.73
O6 POP E . 9.41 -22.78 18.98
S SO4 F . -4.78 -18.26 -16.88
O1 SO4 F . -3.33 -17.98 -16.99
O2 SO4 F . -5.37 -17.44 -15.80
O3 SO4 F . -4.95 -19.69 -16.57
O4 SO4 F . -5.43 -17.98 -18.18
CL CL G . 17.41 -23.20 2.64
NI NI H . -5.43 8.79 9.18
C FMT I . -1.84 13.58 -13.57
O1 FMT I . -1.68 12.51 -14.16
O2 FMT I . -0.90 14.52 -13.68
S SO4 J . -2.02 14.70 20.21
O1 SO4 J . -3.24 15.54 20.31
O2 SO4 J . -1.42 14.56 21.56
O3 SO4 J . -2.38 13.37 19.68
O4 SO4 J . -1.05 15.35 19.31
S SO4 K . -8.83 17.17 10.11
S SO4 K . -10.10 17.23 10.63
O1 SO4 K . -9.49 16.66 11.34
O1 SO4 K . -9.53 15.96 11.07
O2 SO4 K . -8.01 18.34 10.50
O2 SO4 K . -9.97 18.22 11.74
O3 SO4 K . -9.86 17.56 9.09
O3 SO4 K . -11.54 17.06 10.33
O4 SO4 K . -7.96 16.10 9.58
O4 SO4 K . -9.39 17.71 9.42
S SO4 L . -9.47 27.96 32.20
O1 SO4 L . -10.61 28.34 33.06
O2 SO4 L . -8.29 28.79 32.59
O3 SO4 L . -9.81 28.23 30.77
O4 SO4 L . -9.14 26.53 32.40
#